data_6FE1
#
_entry.id   6FE1
#
_cell.length_a   152.020
_cell.length_b   152.020
_cell.length_c   172.210
_cell.angle_alpha   90.00
_cell.angle_beta   90.00
_cell.angle_gamma   120.00
#
_symmetry.space_group_name_H-M   'H 3'
#
loop_
_entity.id
_entity.type
_entity.pdbx_description
1 polymer 'Carbonic anhydrase 9'
2 non-polymer 'ZINC ION'
3 non-polymer 3-(cyclooctylamino)-2,5,6-trifluoro-4-[(2-hydroxyethyl)sulfonyl]benzenesulfonamide
4 water water
#
_entity_poly.entity_id   1
_entity_poly.type   'polypeptide(L)'
_entity_poly.pdbx_seq_one_letter_code
;GPDQSHWRYGGDPPWPRVSPACAGRFQSPVDIRPQLAAFSPALRPLELLGFQLPPLPELRLRNNGHSVQLTLPPGLEMAL
GPGREYRALQLHLHWGAAGRPGSEHTVEGHRFPAEIHVVHLSTAFARVDEALGRPGGLAVLAAFLEEGPEENSAYEQLLS
RLEEIAEEGSETQVPGLDISALLPSDFSRYFQYEGSLTTPPCAQGVIWTVFNQTVMLSAKQLHTLSDTLWGPGDSRLQLN
FRATQPLNGRVIEASFP
;
_entity_poly.pdbx_strand_id   A,B,C,D
#
loop_
_chem_comp.id
_chem_comp.type
_chem_comp.name
_chem_comp.formula
V14 non-polymer 3-(cyclooctylamino)-2,5,6-trifluoro-4-[(2-hydroxyethyl)sulfonyl]benzenesulfonamide 'C16 H23 F3 N2 O5 S2'
ZN non-polymer 'ZINC ION' 'Zn 2'
#
# COMPACT_ATOMS: atom_id res chain seq x y z
N TRP A 7 -16.62 14.24 10.60
CA TRP A 7 -17.55 14.51 9.46
C TRP A 7 -18.61 13.39 9.24
N ARG A 8 -19.75 13.76 8.66
CA ARG A 8 -20.81 12.82 8.27
C ARG A 8 -21.74 13.45 7.23
N TYR A 9 -22.58 12.64 6.57
CA TYR A 9 -23.53 13.13 5.56
C TYR A 9 -24.70 13.89 6.22
N GLY A 10 -25.11 15.00 5.61
CA GLY A 10 -26.23 15.82 6.10
C GLY A 10 -26.10 16.44 7.49
N GLY A 11 -24.85 16.69 7.92
CA GLY A 11 -24.58 17.24 9.25
C GLY A 11 -23.14 17.66 9.43
N ASP A 12 -22.93 18.62 10.34
CA ASP A 12 -21.60 19.23 10.56
C ASP A 12 -20.62 18.26 11.26
N PRO A 13 -19.30 18.42 11.10
CA PRO A 13 -18.68 19.44 10.24
C PRO A 13 -18.57 18.96 8.78
N PRO A 14 -19.23 22.15 8.40
CA PRO A 14 -19.05 22.10 6.94
C PRO A 14 -17.78 21.35 6.50
N TRP A 15 -17.88 20.65 5.36
CA TRP A 15 -16.76 19.87 4.77
C TRP A 15 -15.48 20.68 4.43
N PRO A 16 -15.62 21.95 4.00
CA PRO A 16 -14.45 22.86 3.92
C PRO A 16 -13.64 23.05 5.23
N ARG A 17 -14.33 23.06 6.38
CA ARG A 17 -13.69 23.14 7.70
C ARG A 17 -12.90 21.86 8.05
N VAL A 18 -13.28 20.73 7.43
CA VAL A 18 -12.50 19.48 7.51
C VAL A 18 -11.33 19.57 6.52
N SER A 19 -11.64 19.87 5.26
CA SER A 19 -10.64 19.95 4.17
C SER A 19 -10.97 21.10 3.21
N PRO A 20 -10.05 22.08 3.03
CA PRO A 20 -10.28 23.14 2.04
C PRO A 20 -10.57 22.62 0.62
N ALA A 21 -10.00 21.46 0.26
CA ALA A 21 -10.24 20.87 -1.05
C ALA A 21 -11.73 20.57 -1.34
N CYS A 22 -12.54 20.35 -0.30
CA CYS A 22 -13.99 20.17 -0.51
C CYS A 22 -14.71 21.42 -1.05
N ALA A 23 -14.01 22.55 -1.07
CA ALA A 23 -14.48 23.79 -1.65
C ALA A 23 -13.77 24.10 -2.97
N GLY A 24 -13.15 23.11 -3.60
CA GLY A 24 -12.50 23.31 -4.88
C GLY A 24 -13.50 23.55 -5.98
N ARG A 25 -13.01 24.05 -7.10
CA ARG A 25 -13.82 24.34 -8.28
C ARG A 25 -14.25 23.08 -9.05
N PHE A 26 -13.43 22.03 -8.97
CA PHE A 26 -13.56 20.84 -9.82
C PHE A 26 -13.80 19.55 -8.99
N GLN A 27 -14.99 19.50 -8.41
CA GLN A 27 -15.40 18.44 -7.50
C GLN A 27 -16.25 17.37 -8.17
N SER A 28 -16.42 16.27 -7.45
CA SER A 28 -17.30 15.16 -7.87
C SER A 28 -18.30 14.91 -6.74
N PRO A 29 -19.41 14.23 -7.01
CA PRO A 29 -19.82 13.77 -8.32
C PRO A 29 -20.43 14.89 -9.16
N VAL A 30 -20.79 14.54 -10.39
CA VAL A 30 -21.36 15.47 -11.34
C VAL A 30 -22.59 14.87 -12.00
N ASP A 31 -23.38 15.76 -12.61
CA ASP A 31 -24.49 15.34 -13.44
C ASP A 31 -23.97 15.16 -14.85
N ILE A 32 -24.07 13.94 -15.33
CA ILE A 32 -23.63 13.62 -16.67
C ILE A 32 -24.78 13.94 -17.64
N ARG A 33 -24.56 14.95 -18.50
CA ARG A 33 -25.45 15.28 -19.61
CA ARG A 33 -25.46 15.24 -19.60
C ARG A 33 -24.80 14.76 -20.88
N PRO A 34 -25.20 13.58 -21.37
CA PRO A 34 -24.47 13.01 -22.48
C PRO A 34 -24.48 13.80 -23.78
N GLN A 35 -25.50 14.63 -24.01
CA GLN A 35 -25.47 15.51 -25.19
C GLN A 35 -24.28 16.49 -25.17
N LEU A 36 -23.96 16.99 -23.98
CA LEU A 36 -22.83 17.88 -23.78
C LEU A 36 -21.51 17.12 -23.56
N ALA A 37 -21.52 15.78 -23.58
CA ALA A 37 -20.28 14.98 -23.50
C ALA A 37 -19.53 15.09 -24.79
N ALA A 38 -18.21 15.07 -24.71
CA ALA A 38 -17.36 15.13 -25.88
C ALA A 38 -16.92 13.74 -26.22
N PHE A 39 -17.17 13.32 -27.46
CA PHE A 39 -16.74 12.01 -27.92
C PHE A 39 -15.27 12.04 -28.16
N SER A 40 -14.55 11.05 -27.65
CA SER A 40 -13.11 10.93 -27.86
C SER A 40 -12.71 9.50 -28.13
N PRO A 41 -12.30 9.21 -29.38
CA PRO A 41 -11.91 7.86 -29.71
C PRO A 41 -10.57 7.42 -29.18
N ALA A 42 -9.81 8.27 -28.50
CA ALA A 42 -8.63 7.78 -27.77
C ALA A 42 -9.01 6.92 -26.54
N LEU A 43 -10.22 7.08 -26.03
CA LEU A 43 -10.72 6.28 -24.89
C LEU A 43 -11.00 4.83 -25.30
N ARG A 44 -10.02 3.97 -25.05
CA ARG A 44 -10.10 2.56 -25.36
C ARG A 44 -10.73 1.77 -24.21
N PRO A 45 -11.04 0.47 -24.48
CA PRO A 45 -11.64 -0.37 -23.45
C PRO A 45 -10.72 -0.48 -22.25
N LEU A 46 -11.29 -0.32 -21.07
CA LEU A 46 -10.51 -0.53 -19.82
C LEU A 46 -10.06 -1.95 -19.74
N GLU A 47 -8.90 -2.17 -19.15
CA GLU A 47 -8.34 -3.49 -18.98
C GLU A 47 -8.02 -3.78 -17.49
N LEU A 48 -8.40 -4.98 -17.02
CA LEU A 48 -8.26 -5.39 -15.63
C LEU A 48 -7.50 -6.68 -15.59
N LEU A 49 -6.58 -6.79 -14.63
CA LEU A 49 -5.74 -7.98 -14.47
C LEU A 49 -5.68 -8.32 -13.01
N GLY A 50 -5.81 -9.60 -12.67
CA GLY A 50 -5.75 -10.04 -11.30
C GLY A 50 -7.03 -9.90 -10.51
N PHE A 51 -8.14 -9.50 -11.12
CA PHE A 51 -9.38 -9.31 -10.35
C PHE A 51 -10.11 -10.61 -9.97
N GLN A 52 -9.77 -11.72 -10.60
CA GLN A 52 -10.42 -13.00 -10.33
C GLN A 52 -9.66 -13.70 -9.21
N LEU A 53 -10.10 -13.47 -7.98
CA LEU A 53 -9.37 -13.89 -6.79
C LEU A 53 -9.69 -15.32 -6.38
N PRO A 54 -8.71 -16.01 -5.78
CA PRO A 54 -8.99 -17.25 -5.09
C PRO A 54 -9.72 -16.94 -3.76
N PRO A 55 -10.40 -17.92 -3.19
CA PRO A 55 -11.17 -17.70 -1.96
C PRO A 55 -10.29 -17.35 -0.75
N LEU A 56 -9.05 -17.86 -0.72
CA LEU A 56 -8.07 -17.51 0.32
C LEU A 56 -6.84 -16.87 -0.29
N PRO A 57 -6.27 -15.84 0.38
CA PRO A 57 -6.70 -15.26 1.65
C PRO A 57 -8.01 -14.48 1.57
N GLU A 58 -8.70 -14.40 2.70
CA GLU A 58 -9.93 -13.66 2.81
C GLU A 58 -9.66 -12.16 2.74
N LEU A 59 -10.71 -11.41 2.47
CA LEU A 59 -10.66 -9.96 2.42
C LEU A 59 -11.45 -9.41 3.58
N ARG A 60 -11.25 -8.14 3.91
CA ARG A 60 -11.93 -7.49 5.03
C ARG A 60 -12.99 -6.53 4.51
N LEU A 61 -14.23 -6.83 4.91
CA LEU A 61 -15.40 -6.06 4.59
C LEU A 61 -15.73 -5.26 5.84
N ARG A 62 -15.82 -3.94 5.71
CA ARG A 62 -15.92 -3.05 6.87
C ARG A 62 -17.01 -2.01 6.71
N ASN A 63 -17.85 -1.90 7.74
CA ASN A 63 -18.72 -0.73 7.94
C ASN A 63 -17.88 0.39 8.57
N ASN A 64 -17.51 1.38 7.78
CA ASN A 64 -16.67 2.46 8.25
C ASN A 64 -17.50 3.66 8.74
N GLY A 65 -18.82 3.52 8.82
CA GLY A 65 -19.68 4.60 9.22
C GLY A 65 -20.15 5.52 8.11
N HIS A 66 -19.43 5.57 6.99
CA HIS A 66 -19.85 6.34 5.80
C HIS A 66 -20.28 5.42 4.63
N SER A 67 -19.77 4.20 4.61
CA SER A 67 -20.06 3.24 3.56
C SER A 67 -19.66 1.85 4.07
N VAL A 68 -19.93 0.85 3.24
CA VAL A 68 -19.33 -0.47 3.40
C VAL A 68 -18.19 -0.55 2.39
N GLN A 69 -16.99 -0.86 2.87
CA GLN A 69 -15.80 -0.99 2.04
C GLN A 69 -15.28 -2.42 2.05
N LEU A 70 -14.70 -2.83 0.92
CA LEU A 70 -13.99 -4.08 0.79
C LEU A 70 -12.58 -3.71 0.44
N THR A 71 -11.64 -4.05 1.30
CA THR A 71 -10.25 -3.79 1.03
C THR A 71 -9.72 -4.85 0.09
N LEU A 72 -8.98 -4.41 -0.92
CA LEU A 72 -8.52 -5.31 -1.95
C LEU A 72 -7.05 -5.65 -1.73
N PRO A 73 -6.65 -6.87 -2.09
CA PRO A 73 -5.30 -7.34 -1.87
C PRO A 73 -4.36 -6.80 -2.92
N PRO A 74 -3.05 -6.96 -2.69
CA PRO A 74 -2.14 -6.55 -3.75
C PRO A 74 -2.18 -7.49 -4.97
N GLY A 75 -1.98 -6.84 -6.46
CA GLY A 75 -1.93 -7.60 -7.70
C GLY A 75 -3.14 -7.36 -8.56
N LEU A 76 -4.01 -6.41 -8.18
CA LEU A 76 -5.16 -6.05 -9.00
C LEU A 76 -4.75 -4.84 -9.81
N GLU A 77 -4.53 -5.07 -11.11
CA GLU A 77 -4.01 -4.05 -11.99
C GLU A 77 -5.12 -3.60 -12.94
N MET A 78 -5.20 -2.30 -13.14
CA MET A 78 -6.15 -1.68 -14.02
C MET A 78 -5.43 -0.67 -14.89
N ALA A 79 -5.80 -0.64 -16.17
CA ALA A 79 -5.28 0.34 -17.12
C ALA A 79 -6.38 1.12 -17.81
N LEU A 80 -6.27 2.45 -17.80
CA LEU A 80 -7.19 3.31 -18.52
C LEU A 80 -6.82 3.43 -19.98
N GLY A 81 -5.63 2.98 -20.29
CA GLY A 81 -5.08 3.06 -21.59
C GLY A 81 -3.61 2.65 -21.48
N PRO A 82 -2.83 2.52 -22.85
CA PRO A 82 -1.38 2.32 -22.90
C PRO A 82 -0.69 3.39 -22.02
N GLY A 83 0.12 2.94 -21.09
CA GLY A 83 0.87 3.84 -20.21
C GLY A 83 0.13 4.46 -19.03
N ARG A 84 -1.14 4.11 -18.79
CA ARG A 84 -1.98 4.72 -17.77
C ARG A 84 -2.41 3.60 -16.80
N GLU A 85 -1.45 3.18 -15.96
CA GLU A 85 -1.60 2.01 -15.11
C GLU A 85 -1.83 2.32 -13.64
N TYR A 86 -2.64 1.47 -13.03
CA TYR A 86 -3.20 1.66 -11.69
C TYR A 86 -3.28 0.31 -10.95
N ARG A 87 -3.30 0.38 -9.63
CA ARG A 87 -3.50 -0.78 -8.76
C ARG A 87 -4.72 -0.54 -7.90
N ALA A 88 -5.58 -1.53 -7.79
CA ALA A 88 -6.81 -1.37 -7.03
C ALA A 88 -6.51 -1.41 -5.50
N LEU A 89 -7.12 -0.48 -4.77
CA LEU A 89 -6.98 -0.37 -3.31
C LEU A 89 -8.18 -0.94 -2.59
N GLN A 90 -9.36 -0.52 -2.99
CA GLN A 90 -10.59 -0.89 -2.31
C GLN A 90 -11.79 -0.57 -3.15
N LEU A 91 -12.93 -1.10 -2.73
CA LEU A 91 -14.21 -0.69 -3.29
C LEU A 91 -15.21 -0.38 -2.18
N HIS A 92 -16.19 0.45 -2.48
CA HIS A 92 -17.25 0.76 -1.56
C HIS A 92 -18.48 1.15 -2.36
N LEU A 93 -19.58 1.35 -1.65
CA LEU A 93 -20.85 1.63 -2.25
C LEU A 93 -21.51 2.93 -1.74
N HIS A 94 -22.40 3.44 -2.56
CA HIS A 94 -23.29 4.55 -2.20
C HIS A 94 -24.73 4.12 -2.55
N TRP A 95 -25.67 4.45 -1.67
CA TRP A 95 -27.05 3.99 -1.76
C TRP A 95 -28.01 4.97 -1.06
N GLY A 96 -29.30 4.74 -1.29
CA GLY A 96 -30.34 5.63 -0.77
C GLY A 96 -31.04 5.00 0.42
N ALA A 97 -32.33 4.76 0.24
CA ALA A 97 -33.23 4.30 1.33
C ALA A 97 -34.58 3.96 0.69
N ALA A 98 -35.41 3.19 1.39
CA ALA A 98 -36.77 2.81 0.93
C ALA A 98 -37.39 3.84 -0.02
N GLY A 99 -37.58 3.45 -1.27
CA GLY A 99 -38.15 4.33 -2.30
C GLY A 99 -37.36 5.59 -2.65
N ARG A 100 -36.05 5.58 -2.38
CA ARG A 100 -35.22 6.76 -2.65
C ARG A 100 -33.87 6.31 -3.22
N PRO A 101 -33.53 6.77 -4.43
CA PRO A 101 -32.26 6.40 -5.02
C PRO A 101 -31.08 7.11 -4.33
N GLY A 102 -29.89 6.52 -4.48
CA GLY A 102 -28.69 7.06 -3.83
C GLY A 102 -27.38 6.94 -4.58
N SER A 103 -27.41 6.83 -5.90
CA SER A 103 -26.18 6.98 -6.69
C SER A 103 -25.59 8.38 -6.49
N GLU A 104 -24.27 8.50 -6.65
CA GLU A 104 -23.58 9.82 -6.56
C GLU A 104 -23.69 10.58 -7.87
N HIS A 105 -23.26 9.94 -8.93
CA HIS A 105 -23.43 10.46 -10.27
C HIS A 105 -24.91 10.36 -10.68
N THR A 106 -25.32 11.29 -11.53
CA THR A 106 -26.64 11.29 -12.11
C THR A 106 -26.45 11.41 -13.62
N VAL A 107 -27.46 10.99 -14.37
CA VAL A 107 -27.44 11.09 -15.83
C VAL A 107 -28.72 11.86 -16.19
N GLU A 108 -28.53 13.08 -16.70
CA GLU A 108 -29.62 14.00 -17.08
C GLU A 108 -30.59 14.17 -15.94
N GLY A 109 -30.04 14.33 -14.74
CA GLY A 109 -30.85 14.51 -13.54
C GLY A 109 -31.39 13.23 -12.90
N HIS A 110 -31.23 12.08 -13.54
CA HIS A 110 -31.76 10.82 -13.01
C HIS A 110 -30.76 10.24 -12.01
N ARG A 111 -31.21 9.95 -10.80
CA ARG A 111 -30.38 9.26 -9.80
C ARG A 111 -30.70 7.77 -9.81
N PHE A 112 -29.67 6.93 -9.82
CA PHE A 112 -29.86 5.49 -9.88
C PHE A 112 -29.97 4.94 -8.44
N PRO A 113 -30.51 3.72 -8.29
CA PRO A 113 -30.68 3.22 -6.93
C PRO A 113 -29.38 3.21 -6.08
N ALA A 114 -28.28 2.74 -6.68
CA ALA A 114 -27.01 2.71 -5.96
C ALA A 114 -25.81 2.77 -6.92
N GLU A 115 -24.59 2.86 -6.36
CA GLU A 115 -23.37 3.03 -7.15
C GLU A 115 -22.20 2.35 -6.44
N ILE A 116 -21.40 1.64 -7.24
CA ILE A 116 -20.16 1.04 -6.78
C ILE A 116 -18.98 1.84 -7.30
N HIS A 117 -18.00 2.03 -6.41
CA HIS A 117 -16.76 2.71 -6.71
C HIS A 117 -15.58 1.79 -6.37
N VAL A 118 -14.67 1.60 -7.32
CA VAL A 118 -13.43 0.86 -7.10
C VAL A 118 -12.32 1.90 -7.26
N VAL A 119 -11.59 2.13 -6.19
CA VAL A 119 -10.61 3.22 -6.07
C VAL A 119 -9.25 2.58 -6.35
N HIS A 120 -8.47 3.23 -7.22
CA HIS A 120 -7.16 2.77 -7.62
C HIS A 120 -6.08 3.83 -7.43
N LEU A 121 -4.83 3.38 -7.31
CA LEU A 121 -3.65 4.23 -7.11
C LEU A 121 -2.75 4.06 -8.32
N SER A 122 -2.32 5.18 -8.90
CA SER A 122 -1.34 5.13 -9.99
C SER A 122 -0.08 4.39 -9.56
N THR A 123 0.46 3.57 -10.47
CA THR A 123 1.64 2.75 -10.18
C THR A 123 2.86 3.62 -9.98
N ALA A 124 2.87 5.16 -10.46
CA ALA A 124 3.93 6.11 -10.20
C ALA A 124 4.07 6.43 -8.73
N PHE A 125 3.05 6.11 -7.91
CA PHE A 125 3.07 6.41 -6.49
C PHE A 125 2.98 5.16 -5.60
N ALA A 126 3.86 5.09 -4.60
CA ALA A 126 3.85 4.01 -3.65
C ALA A 126 2.76 4.17 -2.61
N ARG A 127 2.39 5.41 -2.29
CA ARG A 127 1.39 5.64 -1.26
C ARG A 127 0.31 6.59 -1.74
N VAL A 128 -0.88 6.41 -1.19
CA VAL A 128 -2.01 7.29 -1.42
C VAL A 128 -1.68 8.76 -1.13
N ASP A 129 -1.02 9.04 -0.02
CA ASP A 129 -0.78 10.44 0.35
C ASP A 129 0.12 11.22 -0.62
N GLU A 130 1.00 10.53 -1.35
CA GLU A 130 1.74 11.18 -2.43
C GLU A 130 0.88 11.44 -3.68
N ALA A 131 -0.18 10.65 -3.87
CA ALA A 131 -1.04 10.76 -5.05
C ALA A 131 -2.11 11.81 -4.91
N LEU A 132 -2.53 12.06 -3.67
CA LEU A 132 -3.67 12.95 -3.43
C LEU A 132 -3.40 14.30 -4.02
N GLY A 133 -4.36 14.80 -4.79
CA GLY A 133 -4.22 16.11 -5.43
C GLY A 133 -3.28 16.16 -6.61
N ARG A 134 -2.64 15.05 -6.99
CA ARG A 134 -1.74 15.04 -8.16
C ARG A 134 -2.56 14.57 -9.37
N PRO A 135 -2.31 15.12 -10.57
CA PRO A 135 -3.09 14.75 -11.78
C PRO A 135 -2.98 13.27 -12.09
N GLY A 136 -4.12 12.59 -12.09
CA GLY A 136 -4.13 11.17 -12.42
C GLY A 136 -3.57 10.24 -11.35
N GLY A 137 -3.28 10.80 -10.18
CA GLY A 137 -2.72 9.99 -9.09
C GLY A 137 -3.67 8.91 -8.59
N LEU A 138 -4.96 9.25 -8.54
CA LEU A 138 -6.01 8.31 -8.18
C LEU A 138 -7.01 8.18 -9.35
N ALA A 139 -7.49 6.97 -9.57
CA ALA A 139 -8.56 6.71 -10.53
C ALA A 139 -9.66 5.86 -9.89
N VAL A 140 -10.90 6.27 -10.12
CA VAL A 140 -12.06 5.51 -9.64
C VAL A 140 -12.91 4.98 -10.82
N LEU A 141 -13.24 3.69 -10.77
CA LEU A 141 -14.24 3.08 -11.66
C LEU A 141 -15.60 3.08 -10.95
N ALA A 142 -16.60 3.60 -11.64
CA ALA A 142 -17.91 3.78 -11.07
C ALA A 142 -18.94 3.10 -11.97
N ALA A 143 -19.88 2.36 -11.36
CA ALA A 143 -21.00 1.78 -12.10
C ALA A 143 -22.28 1.95 -11.32
N PHE A 144 -23.36 2.20 -12.03
CA PHE A 144 -24.67 2.30 -11.39
C PHE A 144 -25.23 0.91 -11.11
N LEU A 145 -25.93 0.80 -9.97
CA LEU A 145 -26.63 -0.40 -9.59
C LEU A 145 -28.15 -0.13 -9.74
N GLU A 146 -28.82 -0.98 -10.52
CA GLU A 146 -30.26 -0.93 -10.78
C GLU A 146 -30.92 -2.24 -10.36
N GLU A 147 -32.25 -2.23 -10.29
CA GLU A 147 -33.01 -3.42 -9.98
C GLU A 147 -33.17 -4.30 -11.20
N GLY A 148 -32.81 -5.55 -11.06
CA GLY A 148 -33.14 -6.58 -12.02
C GLY A 148 -33.92 -7.68 -11.37
N PRO A 149 -34.36 -8.67 -12.17
CA PRO A 149 -35.23 -9.73 -11.63
C PRO A 149 -34.50 -10.81 -10.84
N GLU A 150 -33.18 -10.93 -11.01
CA GLU A 150 -32.42 -12.03 -10.43
C GLU A 150 -31.54 -11.58 -9.28
N GLU A 151 -31.30 -12.48 -8.34
CA GLU A 151 -30.28 -12.28 -7.32
C GLU A 151 -28.91 -12.22 -7.99
N ASN A 152 -28.15 -11.15 -7.76
CA ASN A 152 -26.79 -11.03 -8.31
C ASN A 152 -25.86 -11.86 -7.42
N SER A 153 -25.34 -12.96 -7.94
CA SER A 153 -24.56 -13.88 -7.09
C SER A 153 -23.23 -13.28 -6.56
N ALA A 154 -22.57 -12.45 -7.35
CA ALA A 154 -21.34 -11.85 -6.90
C ALA A 154 -21.64 -10.88 -5.74
N TYR A 155 -22.64 -10.01 -5.92
CA TYR A 155 -23.05 -9.09 -4.85
C TYR A 155 -23.54 -9.80 -3.59
N GLU A 156 -24.16 -10.97 -3.76
CA GLU A 156 -24.72 -11.73 -2.64
C GLU A 156 -23.64 -12.14 -1.63
N GLN A 157 -22.43 -12.40 -2.12
CA GLN A 157 -21.30 -12.73 -1.26
C GLN A 157 -20.95 -11.64 -0.27
N LEU A 158 -21.20 -10.39 -0.66
CA LEU A 158 -20.98 -9.27 0.22
C LEU A 158 -22.23 -8.93 1.01
N LEU A 159 -23.36 -8.86 0.33
CA LEU A 159 -24.58 -8.39 0.94
C LEU A 159 -25.09 -9.34 2.04
N SER A 160 -24.81 -10.63 1.88
CA SER A 160 -25.20 -11.65 2.86
C SER A 160 -24.40 -11.55 4.16
N ARG A 161 -23.38 -10.71 4.19
CA ARG A 161 -22.53 -10.52 5.33
C ARG A 161 -22.76 -9.18 6.00
N LEU A 162 -23.67 -8.34 5.49
CA LEU A 162 -23.87 -7.00 6.08
C LEU A 162 -24.42 -7.04 7.49
N GLU A 163 -25.27 -8.03 7.77
CA GLU A 163 -25.84 -8.21 9.10
C GLU A 163 -24.73 -8.36 10.17
N GLU A 164 -23.67 -9.12 9.85
CA GLU A 164 -22.47 -9.24 10.70
C GLU A 164 -21.78 -7.90 11.00
N ILE A 165 -21.94 -6.92 10.11
CA ILE A 165 -21.27 -5.63 10.28
C ILE A 165 -22.26 -4.49 10.42
N ALA A 166 -23.42 -4.76 11.02
CA ALA A 166 -24.46 -3.72 11.14
C ALA A 166 -23.99 -2.52 11.93
N GLU A 167 -23.16 -2.77 12.95
CA GLU A 167 -22.61 -1.70 13.79
C GLU A 167 -21.53 -0.86 13.10
N GLU A 168 -21.63 0.46 13.23
CA GLU A 168 -20.57 1.37 12.80
C GLU A 168 -19.20 0.92 13.32
N GLY A 169 -18.22 0.90 12.43
CA GLY A 169 -16.89 0.51 12.78
C GLY A 169 -16.65 -0.98 12.98
N SER A 170 -17.56 -1.83 12.54
CA SER A 170 -17.36 -3.25 12.60
C SER A 170 -16.89 -3.80 11.26
N GLU A 171 -16.27 -4.98 11.28
CA GLU A 171 -15.79 -5.62 10.07
C GLU A 171 -15.86 -7.13 10.19
N THR A 172 -15.75 -7.78 9.03
CA THR A 172 -15.74 -9.20 8.95
C THR A 172 -14.89 -9.66 7.77
N GLN A 173 -14.37 -10.88 7.86
CA GLN A 173 -13.59 -11.47 6.77
C GLN A 173 -14.53 -12.20 5.81
N VAL A 174 -14.28 -12.01 4.51
CA VAL A 174 -15.02 -12.71 3.48
C VAL A 174 -14.05 -13.36 2.49
N PRO A 175 -14.44 -14.48 1.90
CA PRO A 175 -13.61 -15.08 0.85
C PRO A 175 -13.41 -14.17 -0.36
N GLY A 176 -12.24 -14.25 -0.96
CA GLY A 176 -12.03 -13.63 -2.24
C GLY A 176 -13.05 -14.11 -3.26
N LEU A 177 -13.28 -13.25 -4.24
CA LEU A 177 -14.26 -13.52 -5.27
C LEU A 177 -13.78 -12.85 -6.52
N ASP A 178 -14.52 -13.02 -7.60
CA ASP A 178 -14.24 -12.26 -8.83
C ASP A 178 -14.72 -10.84 -8.66
N ILE A 179 -13.78 -9.95 -8.38
CA ILE A 179 -14.10 -8.54 -8.16
C ILE A 179 -14.69 -7.92 -9.44
N SER A 180 -14.21 -8.35 -10.60
CA SER A 180 -14.73 -7.83 -11.86
C SER A 180 -16.21 -8.22 -12.10
N ALA A 181 -16.72 -9.23 -11.40
CA ALA A 181 -18.12 -9.56 -11.45
C ALA A 181 -19.03 -8.60 -10.70
N LEU A 182 -18.48 -7.67 -9.93
CA LEU A 182 -19.27 -6.59 -9.34
C LEU A 182 -19.45 -5.43 -10.32
N LEU A 183 -18.76 -5.47 -11.46
CA LEU A 183 -18.80 -4.41 -12.46
C LEU A 183 -19.52 -4.89 -13.75
N PRO A 184 -19.97 -3.96 -14.60
CA PRO A 184 -20.55 -4.35 -15.89
C PRO A 184 -19.62 -5.17 -16.76
N SER A 185 -20.19 -6.02 -17.62
CA SER A 185 -19.36 -6.74 -18.60
C SER A 185 -18.84 -5.80 -19.71
N ASP A 186 -19.56 -4.70 -19.97
CA ASP A 186 -19.13 -3.76 -21.03
C ASP A 186 -18.09 -2.73 -20.53
N PHE A 187 -16.81 -3.02 -20.78
CA PHE A 187 -15.71 -2.10 -20.47
C PHE A 187 -15.35 -1.04 -21.59
N SER A 188 -16.12 -0.99 -22.68
CA SER A 188 -15.83 -0.11 -23.84
C SER A 188 -16.51 1.23 -23.79
N ARG A 189 -17.68 1.23 -23.14
CA ARG A 189 -18.56 2.36 -23.20
C ARG A 189 -18.65 3.02 -21.82
N TYR A 190 -18.13 4.24 -21.75
CA TYR A 190 -18.01 4.95 -20.48
C TYR A 190 -17.81 6.42 -20.71
N PHE A 191 -18.13 7.19 -19.67
CA PHE A 191 -17.83 8.57 -19.58
C PHE A 191 -16.56 8.70 -18.72
N GLN A 192 -15.80 9.76 -18.94
CA GLN A 192 -14.57 9.99 -18.17
C GLN A 192 -14.39 11.49 -18.00
N TYR A 193 -14.08 11.91 -16.78
CA TYR A 193 -13.77 13.30 -16.51
C TYR A 193 -12.81 13.38 -15.31
N GLU A 194 -12.24 14.57 -15.09
CA GLU A 194 -11.39 14.82 -13.94
C GLU A 194 -12.16 15.53 -12.84
N GLY A 195 -12.09 14.98 -11.65
CA GLY A 195 -12.77 15.55 -10.50
C GLY A 195 -12.06 15.23 -9.21
N SER A 196 -12.85 14.85 -8.21
CA SER A 196 -12.35 14.77 -6.85
C SER A 196 -12.83 13.54 -6.14
N LEU A 197 -12.24 13.27 -4.98
CA LEU A 197 -12.87 12.37 -4.05
C LEU A 197 -14.16 13.04 -3.61
N THR A 198 -15.17 12.23 -3.29
CA THR A 198 -16.47 12.75 -2.86
C THR A 198 -16.65 12.70 -1.35
N THR A 199 -15.59 12.32 -0.62
CA THR A 199 -15.54 12.48 0.82
C THR A 199 -14.26 13.23 1.17
N PRO A 200 -14.19 13.80 2.37
CA PRO A 200 -12.94 14.46 2.78
C PRO A 200 -11.77 13.50 2.66
N PRO A 201 -10.62 13.92 2.14
CA PRO A 201 -10.25 15.31 1.89
C PRO A 201 -10.70 15.94 0.55
N CYS A 202 -11.53 15.27 -0.23
CA CYS A 202 -12.05 15.81 -1.50
C CYS A 202 -10.95 16.26 -2.46
N ALA A 203 -9.81 15.57 -2.44
CA ALA A 203 -8.68 15.96 -3.24
C ALA A 203 -9.04 15.87 -4.72
N GLN A 204 -8.58 16.85 -5.48
CA GLN A 204 -8.78 16.90 -6.93
C GLN A 204 -7.69 16.08 -7.68
N GLY A 205 -7.78 16.07 -9.00
CA GLY A 205 -6.91 15.27 -9.83
C GLY A 205 -7.34 13.81 -9.98
N VAL A 206 -8.53 13.46 -9.52
CA VAL A 206 -9.03 12.07 -9.60
C VAL A 206 -9.66 11.84 -10.99
N ILE A 207 -9.24 10.80 -11.69
CA ILE A 207 -9.84 10.40 -12.96
C ILE A 207 -11.02 9.48 -12.65
N TRP A 208 -12.22 9.94 -12.96
CA TRP A 208 -13.47 9.20 -12.81
C TRP A 208 -13.86 8.60 -14.14
N THR A 209 -14.13 7.29 -14.12
CA THR A 209 -14.64 6.55 -15.27
C THR A 209 -16.00 5.98 -14.82
N VAL A 210 -17.08 6.38 -15.51
CA VAL A 210 -18.44 5.96 -15.21
C VAL A 210 -18.96 5.14 -16.39
N PHE A 211 -19.18 3.85 -16.16
CA PHE A 211 -19.70 2.94 -17.18
C PHE A 211 -21.10 3.30 -17.70
N ASN A 212 -21.31 3.09 -19.01
CA ASN A 212 -22.61 3.24 -19.68
C ASN A 212 -23.54 2.15 -19.15
N GLN A 213 -23.07 0.91 -19.17
CA GLN A 213 -23.88 -0.21 -18.73
C GLN A 213 -23.99 -0.27 -17.20
N THR A 214 -25.19 -0.62 -16.72
CA THR A 214 -25.46 -0.77 -15.30
C THR A 214 -25.38 -2.24 -14.84
N VAL A 215 -25.31 -2.42 -13.52
CA VAL A 215 -25.25 -3.73 -12.91
C VAL A 215 -26.61 -3.96 -12.23
N MET A 216 -27.12 -5.19 -12.34
CA MET A 216 -28.45 -5.56 -11.82
C MET A 216 -28.37 -6.25 -10.45
N LEU A 217 -29.10 -5.73 -9.48
CA LEU A 217 -29.33 -6.41 -8.19
C LEU A 217 -30.83 -6.61 -7.99
N SER A 218 -31.20 -7.62 -7.19
CA SER A 218 -32.63 -7.84 -6.88
C SER A 218 -33.14 -6.76 -5.94
N ALA A 219 -34.47 -6.58 -5.89
CA ALA A 219 -35.09 -5.66 -4.93
C ALA A 219 -34.64 -5.99 -3.50
N LYS A 220 -34.59 -7.28 -3.18
CA LYS A 220 -34.17 -7.74 -1.86
C LYS A 220 -32.74 -7.33 -1.58
N GLN A 221 -31.88 -7.48 -2.57
CA GLN A 221 -30.47 -7.09 -2.40
C GLN A 221 -30.33 -5.60 -2.16
N LEU A 222 -31.06 -4.78 -2.92
CA LEU A 222 -31.02 -3.33 -2.76
C LEU A 222 -31.55 -2.91 -1.39
N HIS A 223 -32.66 -3.55 -0.96
CA HIS A 223 -33.18 -3.31 0.40
C HIS A 223 -32.15 -3.76 1.47
N THR A 224 -31.51 -4.93 1.31
CA THR A 224 -30.47 -5.35 2.26
C THR A 224 -29.35 -4.27 2.40
N LEU A 225 -28.88 -3.77 1.27
CA LEU A 225 -27.83 -2.76 1.24
C LEU A 225 -28.22 -1.49 1.99
N SER A 226 -29.45 -0.99 1.77
CA SER A 226 -29.90 0.26 2.39
C SER A 226 -30.51 0.13 3.80
N ASP A 227 -30.87 -1.07 4.22
CA ASP A 227 -31.62 -1.26 5.48
C ASP A 227 -30.82 -1.98 6.59
N THR A 228 -29.59 -2.40 6.32
CA THR A 228 -28.87 -3.23 7.28
C THR A 228 -27.85 -2.48 8.14
N LEU A 229 -27.22 -1.43 7.59
CA LEU A 229 -26.06 -0.83 8.23
C LEU A 229 -26.42 0.41 9.03
N TRP A 230 -25.75 0.59 10.18
CA TRP A 230 -25.89 1.79 11.03
C TRP A 230 -24.62 2.62 11.02
N GLY A 231 -24.79 3.94 11.13
CA GLY A 231 -23.69 4.89 10.99
C GLY A 231 -23.48 5.73 12.25
N PRO A 232 -22.96 6.98 12.10
CA PRO A 232 -22.76 7.86 13.24
C PRO A 232 -24.06 8.52 13.71
N GLY A 233 -23.54 7.89 16.33
CA GLY A 233 -24.91 8.04 16.80
C GLY A 233 -25.72 6.79 16.54
N ASP A 234 -27.04 6.94 16.59
CA ASP A 234 -27.95 5.81 16.40
C ASP A 234 -28.77 6.00 15.11
N SER A 235 -28.12 6.48 14.05
CA SER A 235 -28.77 6.68 12.75
C SER A 235 -28.43 5.53 11.79
N ARG A 236 -29.37 5.20 10.92
CA ARG A 236 -29.16 4.23 9.84
C ARG A 236 -28.20 4.80 8.80
N LEU A 237 -27.34 3.96 8.26
CA LEU A 237 -26.41 4.37 7.20
C LEU A 237 -27.15 4.30 5.87
N GLN A 238 -27.62 5.45 5.43
CA GLN A 238 -28.53 5.58 4.30
C GLN A 238 -28.25 6.89 3.64
N LEU A 239 -28.63 7.01 2.37
CA LEU A 239 -28.49 8.25 1.60
C LEU A 239 -27.06 8.80 1.70
N ASN A 240 -26.09 7.90 1.56
CA ASN A 240 -24.69 8.23 1.77
C ASN A 240 -24.03 8.69 0.45
N PHE A 241 -24.64 9.68 -0.18
CA PHE A 241 -24.15 10.24 -1.43
C PHE A 241 -24.00 11.74 -1.28
N ARG A 242 -22.96 12.28 -1.89
CA ARG A 242 -22.73 13.73 -1.91
C ARG A 242 -23.58 14.34 -3.02
N ALA A 243 -24.06 15.55 -2.77
CA ALA A 243 -24.76 16.34 -3.80
C ALA A 243 -23.91 16.55 -5.04
N THR A 244 -24.57 16.60 -6.19
CA THR A 244 -23.84 16.82 -7.43
CA THR A 244 -23.98 16.89 -7.48
C THR A 244 -23.25 18.23 -7.44
N GLN A 245 -22.07 18.28 -8.06
CA GLN A 245 -21.24 19.46 -8.08
C GLN A 245 -21.23 19.96 -9.50
N PRO A 246 -21.19 21.31 -9.67
CA PRO A 246 -21.14 21.90 -11.02
C PRO A 246 -19.92 21.48 -11.78
N LEU A 247 -20.06 21.21 -13.09
CA LEU A 247 -18.91 20.93 -13.91
C LEU A 247 -17.94 22.12 -13.99
N ASN A 248 -18.49 23.34 -13.90
CA ASN A 248 -17.67 24.57 -13.83
C ASN A 248 -16.67 24.66 -14.98
N GLY A 249 -17.11 24.24 -16.17
CA GLY A 249 -16.34 24.35 -17.39
C GLY A 249 -15.62 23.12 -17.88
N ARG A 250 -15.50 22.12 -17.02
CA ARG A 250 -14.94 20.83 -17.44
C ARG A 250 -15.84 20.20 -18.47
N VAL A 251 -15.24 19.42 -19.33
CA VAL A 251 -15.94 18.73 -20.38
C VAL A 251 -15.82 17.25 -20.10
N ILE A 252 -16.96 16.58 -19.93
CA ILE A 252 -16.98 15.12 -19.74
C ILE A 252 -16.70 14.46 -21.07
N GLU A 253 -15.81 13.48 -21.08
CA GLU A 253 -15.56 12.73 -22.30
C GLU A 253 -16.33 11.44 -22.32
N ALA A 254 -16.57 10.94 -23.54
CA ALA A 254 -17.32 9.73 -23.76
C ALA A 254 -16.52 8.91 -24.71
N SER A 255 -16.46 7.60 -24.50
CA SER A 255 -15.77 6.73 -25.41
C SER A 255 -16.62 6.29 -26.62
N PHE A 256 -17.78 6.92 -26.85
CA PHE A 256 -18.72 6.63 -27.95
C PHE A 256 -19.48 7.91 -28.36
N PRO A 257 -19.89 7.98 -29.64
CA PRO A 257 -20.57 9.23 -30.07
C PRO A 257 -22.03 9.33 -29.56
N TRP B 15 22.38 4.48 -25.32
CA TRP B 15 21.47 5.24 -24.40
C TRP B 15 20.80 4.33 -23.35
N PRO B 16 20.12 3.23 -23.77
CA PRO B 16 19.74 2.20 -22.80
C PRO B 16 20.91 1.64 -21.95
N ARG B 17 22.11 1.57 -22.54
CA ARG B 17 23.34 1.16 -21.84
C ARG B 17 23.61 2.03 -20.60
N VAL B 18 23.63 3.34 -20.80
CA VAL B 18 23.89 4.29 -19.70
C VAL B 18 22.60 4.64 -18.90
N SER B 19 21.40 4.44 -19.50
CA SER B 19 20.10 4.65 -18.80
C SER B 19 18.95 3.79 -19.37
N PRO B 20 18.64 2.63 -18.73
CA PRO B 20 17.54 1.71 -19.06
C PRO B 20 16.17 2.31 -19.30
N ALA B 21 15.87 3.46 -18.68
CA ALA B 21 14.62 4.18 -18.92
C ALA B 21 14.40 4.54 -20.40
N CYS B 22 15.48 4.78 -21.12
CA CYS B 22 15.40 5.08 -22.54
C CYS B 22 14.89 3.92 -23.40
N ALA B 23 14.86 2.70 -22.86
CA ALA B 23 14.20 1.55 -23.46
C ALA B 23 12.77 1.29 -22.94
N GLY B 24 12.14 2.25 -22.30
CA GLY B 24 10.74 2.12 -21.91
C GLY B 24 9.81 2.05 -23.11
N ARG B 25 8.57 1.65 -22.84
CA ARG B 25 7.55 1.45 -23.89
CA ARG B 25 7.55 1.45 -23.88
C ARG B 25 6.98 2.74 -24.44
N PHE B 26 7.04 3.84 -23.67
CA PHE B 26 6.30 5.06 -24.01
C PHE B 26 7.20 6.28 -24.07
N GLN B 27 8.09 6.28 -25.06
CA GLN B 27 9.10 7.31 -25.26
C GLN B 27 8.69 8.38 -26.30
N SER B 28 9.45 9.48 -26.27
CA SER B 28 9.32 10.54 -27.23
C SER B 28 10.68 10.68 -27.91
N PRO B 29 10.78 11.31 -29.09
CA PRO B 29 9.65 11.81 -29.85
C PRO B 29 8.99 10.71 -30.71
N VAL B 30 7.94 11.09 -31.40
CA VAL B 30 7.17 10.19 -32.27
C VAL B 30 6.82 10.89 -33.61
N ASP B 31 6.42 10.07 -34.57
CA ASP B 31 5.88 10.56 -35.83
C ASP B 31 4.40 10.83 -35.66
N ILE B 32 3.99 12.06 -35.95
CA ILE B 32 2.61 12.47 -35.87
C ILE B 32 1.95 12.19 -37.25
N ARG B 33 0.80 11.52 -37.22
CA ARG B 33 0.02 11.18 -38.40
C ARG B 33 -1.34 11.73 -38.21
N PRO B 34 -1.58 12.95 -38.74
CA PRO B 34 -2.83 13.62 -38.39
C PRO B 34 -4.10 12.86 -38.68
N GLN B 35 -4.12 12.07 -39.76
CA GLN B 35 -5.32 11.28 -40.08
C GLN B 35 -5.61 10.23 -39.01
N LEU B 36 -4.59 9.81 -38.27
CA LEU B 36 -4.77 8.85 -37.18
C LEU B 36 -4.90 9.47 -35.81
N ALA B 37 -4.83 10.80 -35.74
CA ALA B 37 -5.06 11.48 -34.49
C ALA B 37 -6.53 11.42 -34.08
N ALA B 38 -6.78 11.33 -32.78
CA ALA B 38 -8.15 11.39 -32.24
C ALA B 38 -8.56 12.82 -31.86
N PHE B 39 -9.54 13.38 -32.57
CA PHE B 39 -10.11 14.67 -32.21
C PHE B 39 -10.89 14.55 -30.91
N SER B 40 -10.51 15.32 -29.89
CA SER B 40 -11.39 15.51 -28.75
C SER B 40 -11.73 16.95 -28.57
N PRO B 41 -13.04 17.28 -28.65
CA PRO B 41 -13.43 18.64 -28.35
C PRO B 41 -13.20 19.08 -26.90
N ALA B 42 -12.83 18.15 -26.00
CA ALA B 42 -12.45 18.55 -24.64
C ALA B 42 -11.09 19.28 -24.54
N LEU B 43 -10.25 19.14 -25.55
CA LEU B 43 -8.97 19.86 -25.60
C LEU B 43 -9.18 21.34 -25.96
N ARG B 44 -9.15 22.21 -24.96
CA ARG B 44 -9.45 23.63 -25.13
C ARG B 44 -8.18 24.42 -25.53
N PRO B 45 -8.33 25.69 -25.94
CA PRO B 45 -7.12 26.47 -26.24
C PRO B 45 -6.14 26.53 -25.06
N LEU B 46 -4.87 26.43 -25.38
CA LEU B 46 -3.79 26.58 -24.40
C LEU B 46 -3.88 27.97 -23.78
N GLU B 47 -3.73 28.06 -22.46
CA GLU B 47 -3.65 29.37 -21.76
C GLU B 47 -2.23 29.58 -21.24
N LEU B 48 -1.59 30.67 -21.68
CA LEU B 48 -0.21 31.01 -21.32
C LEU B 48 -0.20 32.45 -20.82
N LEU B 49 -0.13 32.62 -19.50
CA LEU B 49 -0.12 33.94 -18.86
C LEU B 49 1.23 34.19 -18.18
N GLY B 50 1.63 35.47 -18.17
CA GLY B 50 2.90 35.90 -17.60
C GLY B 50 4.10 35.69 -18.48
N PHE B 51 3.89 35.39 -19.77
CA PHE B 51 5.03 35.12 -20.67
C PHE B 51 5.72 36.39 -21.25
N GLN B 52 5.09 37.55 -21.09
CA GLN B 52 5.59 38.83 -21.65
C GLN B 52 6.55 39.39 -20.63
N LEU B 53 7.82 39.00 -20.74
CA LEU B 53 8.82 39.40 -19.76
C LEU B 53 9.34 40.78 -20.09
N PRO B 54 9.56 41.63 -19.07
CA PRO B 54 10.24 42.91 -19.31
C PRO B 54 11.75 42.69 -19.50
N PRO B 55 12.47 43.70 -20.02
CA PRO B 55 13.93 43.56 -20.31
C PRO B 55 14.77 43.20 -19.10
N LEU B 56 14.40 43.73 -17.93
CA LEU B 56 15.10 43.40 -16.68
C LEU B 56 14.11 42.74 -15.73
N PRO B 57 14.54 41.70 -14.98
CA PRO B 57 15.88 41.10 -14.93
C PRO B 57 16.24 40.32 -16.19
N GLU B 58 17.53 40.24 -16.46
CA GLU B 58 18.04 39.45 -17.56
C GLU B 58 17.94 37.95 -17.27
N LEU B 59 18.05 37.15 -18.33
CA LEU B 59 17.88 35.69 -18.25
C LEU B 59 19.15 34.98 -18.64
N ARG B 60 19.42 33.88 -17.96
CA ARG B 60 20.58 33.07 -18.29
C ARG B 60 20.33 32.26 -19.57
N LEU B 61 21.23 32.42 -20.55
CA LEU B 61 21.29 31.61 -21.77
C LEU B 61 22.57 30.81 -21.72
N ARG B 62 22.49 29.51 -21.96
CA ARG B 62 23.62 28.63 -21.72
C ARG B 62 23.74 27.56 -22.80
N ASN B 63 24.98 27.29 -23.22
CA ASN B 63 25.30 26.13 -24.06
C ASN B 63 25.67 25.03 -23.07
N ASN B 64 24.87 23.96 -23.04
CA ASN B 64 25.10 22.85 -22.11
C ASN B 64 25.66 21.61 -22.81
N GLY B 65 26.10 21.74 -24.06
CA GLY B 65 26.57 20.57 -24.81
C GLY B 65 25.52 19.75 -25.56
N HIS B 66 24.25 19.76 -25.13
CA HIS B 66 23.12 19.11 -25.81
CA HIS B 66 23.21 19.12 -25.96
C HIS B 66 22.27 20.12 -26.61
N SER B 67 22.16 21.34 -26.08
CA SER B 67 21.33 22.36 -26.68
C SER B 67 21.73 23.73 -26.14
N VAL B 68 21.05 24.77 -26.61
CA VAL B 68 21.09 26.08 -25.95
C VAL B 68 19.85 26.13 -25.06
N GLN B 69 20.05 26.44 -23.77
CA GLN B 69 18.94 26.58 -22.85
C GLN B 69 18.81 27.98 -22.30
N LEU B 70 17.56 28.41 -22.19
CA LEU B 70 17.19 29.67 -21.62
C LEU B 70 16.40 29.34 -20.37
N THR B 71 16.93 29.78 -19.23
CA THR B 71 16.26 29.62 -17.95
C THR B 71 15.18 30.70 -17.79
N LEU B 72 13.99 30.28 -17.40
CA LEU B 72 12.89 31.21 -17.30
C LEU B 72 12.61 31.53 -15.84
N PRO B 73 12.12 32.74 -15.55
CA PRO B 73 11.86 33.11 -14.18
C PRO B 73 10.55 32.53 -13.67
N PRO B 74 10.30 32.65 -12.35
CA PRO B 74 8.98 32.35 -11.83
C PRO B 74 7.95 33.21 -12.54
N GLY B 75 6.32 32.66 -12.50
CA GLY B 75 5.29 33.55 -13.00
C GLY B 75 4.80 33.24 -14.39
N LEU B 76 5.46 32.34 -15.09
CA LEU B 76 4.99 31.92 -16.42
C LEU B 76 4.01 30.76 -16.24
N GLU B 77 2.72 31.07 -16.24
CA GLU B 77 1.72 30.10 -15.89
C GLU B 77 1.08 29.58 -17.17
N MET B 78 0.87 28.26 -17.20
CA MET B 78 0.34 27.56 -18.38
C MET B 78 -0.70 26.54 -17.93
N ALA B 79 -1.81 26.44 -18.65
CA ALA B 79 -2.85 25.43 -18.39
C ALA B 79 -3.14 24.62 -19.66
N LEU B 80 -3.12 23.29 -19.51
CA LEU B 80 -3.57 22.34 -20.54
C LEU B 80 -5.08 22.07 -20.43
N GLY B 81 -5.67 22.46 -19.33
CA GLY B 81 -7.07 22.33 -19.14
C GLY B 81 -7.44 22.95 -17.81
N PRO B 82 -9.16 22.74 -17.46
CA PRO B 82 -9.52 23.32 -16.17
C PRO B 82 -8.73 22.68 -15.01
N GLY B 83 -8.02 23.49 -14.23
CA GLY B 83 -7.21 23.01 -13.09
C GLY B 83 -6.00 22.15 -13.38
N ARG B 84 -5.53 22.10 -14.62
CA ARG B 84 -4.36 21.36 -14.98
C ARG B 84 -3.28 22.40 -15.33
N GLU B 85 -2.67 22.95 -14.28
CA GLU B 85 -1.78 24.08 -14.39
C GLU B 85 -0.30 23.73 -14.18
N TYR B 86 0.53 24.56 -14.80
CA TYR B 86 1.97 24.35 -15.00
C TYR B 86 2.72 25.69 -14.87
N ARG B 87 4.02 25.61 -14.57
CA ARG B 87 4.90 26.77 -14.57
C ARG B 87 6.05 26.44 -15.45
N ALA B 88 6.43 27.37 -16.33
CA ALA B 88 7.52 27.15 -17.24
C ALA B 88 8.86 27.21 -16.50
N LEU B 89 9.76 26.30 -16.83
CA LEU B 89 11.08 26.22 -16.20
C LEU B 89 12.15 26.79 -17.09
N GLN B 90 12.11 26.38 -18.35
CA GLN B 90 13.15 26.63 -19.32
C GLN B 90 12.67 26.35 -20.72
N LEU B 91 13.44 26.80 -21.69
CA LEU B 91 13.25 26.40 -23.07
C LEU B 91 14.58 26.10 -23.68
N HIS B 92 14.54 25.28 -24.71
CA HIS B 92 15.73 24.89 -25.44
C HIS B 92 15.27 24.48 -26.87
N LEU B 93 16.21 24.13 -27.73
CA LEU B 93 15.91 23.91 -29.15
C LEU B 93 16.64 22.68 -29.69
N HIS B 94 16.10 22.16 -30.79
CA HIS B 94 16.70 21.03 -31.49
C HIS B 94 16.81 21.42 -32.95
N TRP B 95 17.92 21.07 -33.57
CA TRP B 95 18.23 21.55 -34.92
C TRP B 95 19.17 20.59 -35.63
N GLY B 96 19.35 20.82 -36.93
CA GLY B 96 20.08 19.91 -37.78
C GLY B 96 21.47 20.41 -38.09
N ALA B 97 21.81 20.50 -39.38
CA ALA B 97 23.14 20.87 -39.84
C ALA B 97 23.13 21.02 -41.34
N ALA B 98 23.65 22.13 -41.86
CA ALA B 98 23.95 22.30 -43.27
C ALA B 98 22.80 21.86 -44.16
N GLY B 99 21.67 22.57 -44.07
CA GLY B 99 20.46 22.22 -44.82
C GLY B 99 19.66 21.02 -44.30
N ARG B 100 20.30 20.02 -43.67
CA ARG B 100 19.60 18.84 -43.14
C ARG B 100 18.76 19.24 -41.92
N PRO B 101 17.47 18.84 -41.90
CA PRO B 101 16.56 19.24 -40.83
C PRO B 101 16.87 18.50 -39.49
N GLY B 102 16.51 19.13 -38.38
CA GLY B 102 16.74 18.52 -37.05
C GLY B 102 15.65 18.66 -36.00
N SER B 103 14.38 18.71 -36.42
CA SER B 103 13.27 18.59 -35.50
C SER B 103 13.27 17.16 -34.88
N GLU B 104 12.68 17.07 -33.69
CA GLU B 104 12.55 15.81 -32.97
C GLU B 104 11.32 15.06 -33.40
N HIS B 105 10.16 15.69 -33.22
CA HIS B 105 8.92 15.18 -33.83
C HIS B 105 8.97 15.33 -35.35
N THR B 106 8.26 14.42 -36.02
CA THR B 106 8.05 14.47 -37.47
C THR B 106 6.54 14.44 -37.74
N VAL B 107 6.13 14.92 -38.92
CA VAL B 107 4.73 14.88 -39.32
C VAL B 107 4.67 14.10 -40.62
N GLU B 108 3.96 12.96 -40.59
CA GLU B 108 3.88 12.03 -41.72
C GLU B 108 5.26 11.77 -42.32
N GLY B 109 6.25 11.57 -41.46
CA GLY B 109 7.62 11.33 -41.87
C GLY B 109 8.44 12.57 -42.20
N HIS B 110 7.82 13.75 -42.32
CA HIS B 110 8.58 14.98 -42.61
C HIS B 110 9.26 15.54 -41.35
N ARG B 111 10.59 15.70 -41.44
CA ARG B 111 11.39 16.40 -40.43
C ARG B 111 11.52 17.89 -40.75
N PHE B 112 11.25 18.73 -39.77
CA PHE B 112 11.29 20.17 -39.95
C PHE B 112 12.70 20.67 -39.62
N PRO B 113 13.06 21.89 -40.09
CA PRO B 113 14.41 22.41 -39.82
C PRO B 113 14.82 22.37 -38.34
N ALA B 114 13.93 22.78 -37.45
CA ALA B 114 14.23 22.81 -36.02
C ALA B 114 12.96 22.76 -35.18
N GLU B 115 13.13 22.70 -33.86
CA GLU B 115 12.01 22.55 -32.94
C GLU B 115 12.33 23.24 -31.64
N ILE B 116 11.37 23.98 -31.11
CA ILE B 116 11.53 24.61 -29.81
C ILE B 116 10.71 23.83 -28.78
N HIS B 117 11.29 23.65 -27.60
CA HIS B 117 10.65 23.01 -26.44
C HIS B 117 10.65 23.91 -25.23
N VAL B 118 9.47 24.16 -24.69
CA VAL B 118 9.29 24.91 -23.46
C VAL B 118 8.81 23.93 -22.39
N VAL B 119 9.69 23.69 -21.43
CA VAL B 119 9.46 22.68 -20.39
C VAL B 119 8.82 23.32 -19.17
N HIS B 120 7.75 22.68 -18.68
CA HIS B 120 6.98 23.13 -17.58
C HIS B 120 6.85 22.06 -16.49
N LEU B 121 6.64 22.54 -15.26
CA LEU B 121 6.42 21.72 -14.09
C LEU B 121 5.01 21.89 -13.59
N SER B 122 4.30 20.80 -13.34
CA SER B 122 2.96 20.84 -12.75
C SER B 122 2.97 21.57 -11.40
N THR B 123 1.97 22.43 -11.17
CA THR B 123 1.88 23.22 -9.94
C THR B 123 1.54 22.30 -8.78
N ALA B 124 1.16 20.69 -9.17
CA ALA B 124 0.92 19.80 -8.06
C ALA B 124 2.22 19.31 -7.48
N PHE B 125 3.36 19.69 -8.08
CA PHE B 125 4.65 19.22 -7.63
C PHE B 125 5.58 20.41 -7.35
N ALA B 126 6.16 20.46 -6.16
CA ALA B 126 7.06 21.55 -5.75
C ALA B 126 8.40 21.43 -6.42
N ARG B 127 8.83 20.21 -6.73
CA ARG B 127 10.15 19.95 -7.28
C ARG B 127 10.06 19.11 -8.55
N VAL B 128 11.01 19.37 -9.46
CA VAL B 128 11.15 18.61 -10.67
C VAL B 128 11.41 17.13 -10.36
N ASP B 129 12.22 16.85 -9.32
CA ASP B 129 12.58 15.47 -9.07
C ASP B 129 11.40 14.58 -8.59
N GLU B 130 10.40 15.19 -7.98
CA GLU B 130 9.13 14.52 -7.65
C GLU B 130 8.27 14.26 -8.88
N ALA B 131 8.36 15.16 -9.85
CA ALA B 131 7.58 15.13 -11.07
C ALA B 131 8.07 14.09 -12.08
N LEU B 132 9.39 13.83 -12.09
CA LEU B 132 9.99 12.93 -13.04
C LEU B 132 9.40 11.55 -12.87
N GLY B 133 8.83 11.02 -13.94
CA GLY B 133 8.29 9.67 -13.94
C GLY B 133 6.83 9.62 -13.49
N ARG B 134 6.26 10.77 -13.10
CA ARG B 134 4.89 10.81 -12.59
C ARG B 134 4.02 11.33 -13.76
N PRO B 135 2.85 10.73 -13.98
CA PRO B 135 2.00 11.17 -15.10
C PRO B 135 1.58 12.64 -15.00
N GLY B 136 1.85 13.40 -16.05
CA GLY B 136 1.54 14.81 -16.08
C GLY B 136 2.42 15.71 -15.22
N GLY B 137 3.43 15.17 -14.54
CA GLY B 137 4.34 15.96 -13.70
C GLY B 137 5.07 17.05 -14.46
N LEU B 138 5.56 16.68 -15.65
CA LEU B 138 6.17 17.60 -16.59
C LEU B 138 5.33 17.69 -17.88
N ALA B 139 5.28 18.90 -18.46
CA ALA B 139 4.61 19.15 -19.74
C ALA B 139 5.51 20.00 -20.59
N VAL B 140 5.69 19.58 -21.84
CA VAL B 140 6.49 20.33 -22.80
C VAL B 140 5.60 20.87 -23.93
N LEU B 141 5.69 22.19 -24.21
CA LEU B 141 5.12 22.77 -25.44
C LEU B 141 6.18 22.71 -26.53
N ALA B 142 5.82 22.14 -27.68
CA ALA B 142 6.72 21.95 -28.80
C ALA B 142 6.18 22.62 -30.06
N ALA B 143 7.03 23.35 -30.77
CA ALA B 143 6.60 24.04 -32.01
C ALA B 143 7.67 23.79 -33.04
N PHE B 144 7.27 23.52 -34.28
CA PHE B 144 8.25 23.35 -35.36
C PHE B 144 8.71 24.72 -35.85
N LEU B 145 9.98 24.81 -36.21
CA LEU B 145 10.54 26.01 -36.88
C LEU B 145 10.81 25.69 -38.34
N GLU B 146 10.25 26.50 -39.24
CA GLU B 146 10.42 26.33 -40.70
C GLU B 146 11.13 27.54 -41.32
N GLU B 147 11.65 27.33 -42.52
CA GLU B 147 12.25 28.42 -43.30
C GLU B 147 11.21 29.32 -43.93
N GLY B 148 11.31 30.62 -43.66
CA GLY B 148 10.45 31.63 -44.26
C GLY B 148 11.27 32.78 -44.84
N PRO B 149 10.61 33.68 -45.59
CA PRO B 149 11.33 34.78 -46.24
C PRO B 149 11.84 35.87 -45.30
N GLU B 150 11.16 36.10 -44.18
CA GLU B 150 11.49 37.21 -43.28
C GLU B 150 12.31 36.77 -42.05
N GLU B 151 13.19 37.67 -41.60
CA GLU B 151 13.93 37.48 -40.36
CA GLU B 151 13.92 37.50 -40.34
C GLU B 151 12.92 37.53 -39.18
N ASN B 152 12.99 36.53 -38.30
CA ASN B 152 12.10 36.46 -37.14
C ASN B 152 12.67 37.27 -35.99
N SER B 153 11.97 38.32 -35.60
CA SER B 153 12.41 39.22 -34.53
C SER B 153 12.56 38.54 -33.16
N ALA B 154 11.56 37.72 -32.79
CA ALA B 154 11.57 37.03 -31.51
C ALA B 154 12.80 36.16 -31.42
N TYR B 155 13.03 35.34 -32.44
CA TYR B 155 14.17 34.42 -32.42
C TYR B 155 15.54 35.12 -32.52
N GLU B 156 15.58 36.27 -33.18
CA GLU B 156 16.83 37.02 -33.34
C GLU B 156 17.46 37.44 -32.01
N GLN B 157 16.60 37.79 -31.04
CA GLN B 157 17.05 38.09 -29.68
C GLN B 157 17.91 36.99 -29.05
N LEU B 158 17.61 35.73 -29.39
CA LEU B 158 18.41 34.60 -28.91
C LEU B 158 19.52 34.21 -29.86
N LEU B 159 19.22 34.17 -31.16
CA LEU B 159 20.21 33.72 -32.14
C LEU B 159 21.41 34.67 -32.22
N SER B 160 21.13 35.98 -32.15
CA SER B 160 22.18 37.02 -32.13
C SER B 160 23.12 36.94 -30.91
N ARG B 161 22.72 36.22 -29.86
CA ARG B 161 23.57 36.02 -28.67
C ARG B 161 24.32 34.70 -28.64
N LEU B 162 24.25 33.90 -29.71
CA LEU B 162 24.84 32.55 -29.68
C LEU B 162 26.36 32.51 -29.82
N GLU B 163 26.92 33.45 -30.59
CA GLU B 163 28.40 33.52 -30.74
C GLU B 163 29.11 33.68 -29.40
N GLU B 164 28.49 34.43 -28.49
CA GLU B 164 29.00 34.60 -27.13
C GLU B 164 29.15 33.31 -26.34
N ILE B 165 28.26 32.34 -26.61
CA ILE B 165 28.25 31.08 -25.86
C ILE B 165 28.64 29.89 -26.73
N ALA B 166 29.46 30.13 -27.74
CA ALA B 166 29.85 29.10 -28.71
C ALA B 166 30.55 27.91 -28.07
N GLU B 167 31.36 28.17 -27.06
CA GLU B 167 32.08 27.13 -26.34
C GLU B 167 31.14 26.34 -25.44
N GLU B 168 31.29 25.02 -25.44
CA GLU B 168 30.55 24.11 -24.56
C GLU B 168 30.69 24.58 -23.12
N GLY B 169 29.56 24.68 -22.42
CA GLY B 169 29.56 25.07 -21.00
C GLY B 169 29.52 26.56 -20.73
N SER B 170 29.64 27.41 -21.75
CA SER B 170 29.65 28.85 -21.53
C SER B 170 28.25 29.40 -21.41
N GLU B 171 28.12 30.59 -20.83
CA GLU B 171 26.82 31.20 -20.64
C GLU B 171 26.90 32.70 -20.67
N THR B 172 25.74 33.33 -20.82
CA THR B 172 25.64 34.77 -20.86
C THR B 172 24.27 35.16 -20.33
N GLN B 173 24.03 36.45 -20.20
CA GLN B 173 22.77 36.97 -19.69
C GLN B 173 22.13 37.70 -20.84
N VAL B 174 20.83 37.51 -21.04
CA VAL B 174 20.13 38.17 -22.15
C VAL B 174 18.95 38.92 -21.58
N PRO B 175 18.53 40.01 -22.25
CA PRO B 175 17.35 40.72 -21.77
C PRO B 175 16.09 39.85 -21.81
N GLY B 176 15.19 40.08 -20.87
CA GLY B 176 13.88 39.47 -20.92
C GLY B 176 13.18 39.78 -22.23
N LEU B 177 12.40 38.82 -22.70
CA LEU B 177 11.72 38.86 -24.00
C LEU B 177 10.37 38.19 -23.89
N ASP B 178 9.51 38.44 -24.88
CA ASP B 178 8.18 37.86 -24.87
C ASP B 178 8.31 36.40 -25.33
N ILE B 179 8.32 35.50 -24.37
CA ILE B 179 8.54 34.06 -24.66
C ILE B 179 7.40 33.55 -25.56
N SER B 180 6.20 34.06 -25.36
CA SER B 180 5.02 33.66 -26.16
C SER B 180 5.17 34.02 -27.64
N ALA B 181 5.95 35.07 -27.93
CA ALA B 181 6.24 35.45 -29.31
C ALA B 181 7.04 34.43 -30.09
N LEU B 182 7.72 33.51 -29.38
CA LEU B 182 8.45 32.40 -30.04
C LEU B 182 7.54 31.23 -30.53
N LEU B 183 6.25 31.32 -30.22
CA LEU B 183 5.30 30.25 -30.45
C LEU B 183 4.31 30.60 -31.55
N PRO B 184 3.71 29.55 -32.19
CA PRO B 184 2.82 29.79 -33.33
C PRO B 184 1.59 30.59 -33.00
N SER B 185 0.86 30.94 -34.05
CA SER B 185 -0.29 31.83 -33.96
C SER B 185 -1.52 31.29 -33.20
N ASP B 186 -1.91 30.03 -33.46
CA ASP B 186 -3.20 29.54 -32.99
C ASP B 186 -3.02 28.56 -31.83
N PHE B 187 -3.33 29.02 -30.62
CA PHE B 187 -3.18 28.19 -29.42
C PHE B 187 -4.30 27.13 -29.28
N SER B 188 -5.26 27.09 -30.22
CA SER B 188 -6.41 26.16 -30.21
C SER B 188 -6.18 24.92 -31.05
N ARG B 189 -5.07 24.89 -31.77
CA ARG B 189 -4.76 23.87 -32.73
C ARG B 189 -3.43 23.22 -32.36
N TYR B 190 -3.51 22.00 -31.81
CA TYR B 190 -2.35 21.24 -31.40
C TYR B 190 -2.64 19.71 -31.36
N PHE B 191 -1.56 18.94 -31.35
CA PHE B 191 -1.58 17.51 -31.04
C PHE B 191 -1.07 17.31 -29.62
N GLN B 192 -1.51 16.23 -28.99
CA GLN B 192 -1.14 15.95 -27.61
C GLN B 192 -1.06 14.44 -27.36
N TYR B 193 0.00 14.03 -26.69
CA TYR B 193 0.17 12.64 -26.24
C TYR B 193 1.12 12.63 -25.01
N GLU B 194 1.24 11.47 -24.42
CA GLU B 194 2.08 11.28 -23.26
C GLU B 194 3.27 10.41 -23.63
N GLY B 195 4.46 10.87 -23.24
CA GLY B 195 5.69 10.18 -23.57
C GLY B 195 6.78 10.50 -22.55
N SER B 196 7.96 10.84 -23.05
CA SER B 196 9.17 10.92 -22.25
C SER B 196 9.98 12.15 -22.58
N LEU B 197 10.99 12.36 -21.74
CA LEU B 197 12.10 13.25 -22.09
C LEU B 197 12.85 12.57 -23.24
N THR B 198 13.40 13.37 -24.14
CA THR B 198 14.10 12.87 -25.32
C THR B 198 15.60 12.75 -25.11
N THR B 199 16.08 13.07 -23.90
CA THR B 199 17.47 12.77 -23.49
C THR B 199 17.41 12.03 -22.16
N PRO B 200 18.52 11.36 -21.76
CA PRO B 200 18.57 10.80 -20.42
C PRO B 200 18.21 11.86 -19.40
N PRO B 201 17.41 11.57 -18.39
CA PRO B 201 17.07 10.22 -17.97
C PRO B 201 15.86 9.53 -18.66
N CYS B 202 15.32 10.12 -19.73
CA CYS B 202 14.25 9.52 -20.53
C CYS B 202 13.01 9.18 -19.71
N ALA B 203 12.72 10.01 -18.71
CA ALA B 203 11.63 9.76 -17.79
C ALA B 203 10.30 9.80 -18.52
N GLN B 204 9.42 8.86 -18.19
CA GLN B 204 8.06 8.80 -18.79
C GLN B 204 7.08 9.65 -17.97
N GLY B 205 5.84 9.74 -18.48
CA GLY B 205 4.81 10.57 -17.89
C GLY B 205 4.80 12.03 -18.32
N VAL B 206 5.62 12.39 -19.33
CA VAL B 206 5.69 13.76 -19.83
C VAL B 206 4.54 14.02 -20.82
N ILE B 207 3.73 15.05 -20.57
CA ILE B 207 2.72 15.44 -21.54
C ILE B 207 3.30 16.34 -22.63
N TRP B 208 3.35 15.81 -23.85
CA TRP B 208 3.80 16.56 -25.02
C TRP B 208 2.62 17.23 -25.74
N THR B 209 2.72 18.53 -25.98
CA THR B 209 1.75 19.28 -26.80
C THR B 209 2.52 19.87 -27.97
N VAL B 210 2.18 19.46 -29.20
CA VAL B 210 2.85 19.89 -30.43
C VAL B 210 1.89 20.76 -31.23
N PHE B 211 2.25 22.03 -31.40
CA PHE B 211 1.42 22.95 -32.15
C PHE B 211 1.25 22.46 -33.59
N ASN B 212 0.05 22.60 -34.13
CA ASN B 212 -0.23 22.29 -35.55
C ASN B 212 0.51 23.26 -36.47
N GLN B 213 0.37 24.56 -36.22
CA GLN B 213 1.06 25.57 -37.04
C GLN B 213 2.52 25.71 -36.63
N THR B 214 3.33 26.21 -37.57
CA THR B 214 4.75 26.41 -37.33
C THR B 214 5.08 27.89 -37.17
N VAL B 215 6.34 28.14 -36.82
CA VAL B 215 6.92 29.48 -36.84
C VAL B 215 8.01 29.48 -37.90
N MET B 216 8.25 30.65 -38.47
CA MET B 216 9.21 30.81 -39.55
C MET B 216 10.38 31.66 -39.12
N LEU B 217 11.55 31.18 -39.46
CA LEU B 217 12.82 31.88 -39.32
C LEU B 217 13.46 31.95 -40.71
N SER B 218 14.28 32.98 -40.96
CA SER B 218 15.06 33.09 -42.20
C SER B 218 16.12 32.00 -42.31
N ALA B 219 16.57 31.75 -43.53
CA ALA B 219 17.60 30.74 -43.80
C ALA B 219 18.90 31.07 -43.04
N LYS B 220 19.22 32.36 -42.95
CA LYS B 220 20.39 32.80 -42.21
C LYS B 220 20.22 32.53 -40.71
N GLN B 221 19.04 32.82 -40.19
CA GLN B 221 18.72 32.51 -38.79
C GLN B 221 18.89 31.03 -38.49
N LEU B 222 18.35 30.19 -39.36
CA LEU B 222 18.49 28.73 -39.21
C LEU B 222 19.96 28.32 -39.26
N HIS B 223 20.73 28.88 -40.20
CA HIS B 223 22.15 28.55 -40.25
CA HIS B 223 22.18 28.62 -40.30
C HIS B 223 22.90 29.08 -39.02
N THR B 224 22.52 30.26 -38.51
CA THR B 224 23.07 30.76 -37.24
C THR B 224 22.80 29.77 -36.09
N LEU B 225 21.56 29.27 -36.01
CA LEU B 225 21.18 28.26 -34.99
C LEU B 225 22.07 27.03 -35.05
N SER B 226 22.30 26.52 -36.26
CA SER B 226 22.97 25.24 -36.41
C SER B 226 24.48 25.32 -36.58
N ASP B 227 25.05 26.51 -36.73
CA ASP B 227 26.51 26.63 -37.01
C ASP B 227 27.36 27.36 -35.97
N THR B 228 26.76 27.92 -34.94
CA THR B 228 27.47 28.76 -33.98
C THR B 228 28.04 28.02 -32.79
N LEU B 229 27.28 27.05 -32.26
CA LEU B 229 27.63 26.40 -30.98
C LEU B 229 28.43 25.13 -31.22
N TRP B 230 29.34 24.87 -30.27
CA TRP B 230 30.17 23.68 -30.24
C TRP B 230 29.78 22.83 -29.03
N GLY B 231 29.98 21.52 -29.16
CA GLY B 231 29.59 20.55 -28.15
C GLY B 231 30.78 19.80 -27.60
N PRO B 232 30.54 18.60 -27.03
CA PRO B 232 31.65 17.78 -26.53
C PRO B 232 32.39 17.11 -27.67
N GLY B 233 34.93 16.99 -26.37
CA GLY B 233 35.53 16.77 -27.68
C GLY B 233 35.42 17.98 -28.59
N ASP B 234 35.75 17.79 -29.87
CA ASP B 234 35.83 18.87 -30.85
C ASP B 234 34.63 18.96 -31.81
N SER B 235 33.46 18.44 -31.39
CA SER B 235 32.28 18.36 -32.26
C SER B 235 31.53 19.69 -32.35
N ARG B 236 30.94 19.94 -33.51
CA ARG B 236 29.90 20.97 -33.63
C ARG B 236 28.64 20.49 -32.87
N LEU B 237 27.91 21.44 -32.28
CA LEU B 237 26.64 21.11 -31.64
C LEU B 237 25.56 21.16 -32.70
N GLN B 238 25.34 19.99 -33.32
CA GLN B 238 24.45 19.84 -34.44
C GLN B 238 23.70 18.51 -34.40
N LEU B 239 22.56 18.48 -35.09
CA LEU B 239 21.76 17.26 -35.19
C LEU B 239 21.42 16.72 -33.80
N ASN B 240 20.99 17.61 -32.89
CA ASN B 240 20.81 17.26 -31.46
C ASN B 240 19.35 16.81 -31.25
N PHE B 241 18.98 15.76 -31.99
CA PHE B 241 17.62 15.21 -31.96
C PHE B 241 17.69 13.72 -31.81
N ARG B 242 16.71 13.18 -31.11
CA ARG B 242 16.59 11.75 -30.94
C ARG B 242 15.79 11.18 -32.11
N ALA B 243 16.08 9.94 -32.46
CA ALA B 243 15.27 9.19 -33.39
C ALA B 243 13.81 9.04 -32.92
N THR B 244 12.88 8.93 -33.88
CA THR B 244 11.46 8.70 -33.68
CA THR B 244 11.46 8.77 -33.55
C THR B 244 11.24 7.39 -32.94
N GLN B 245 10.30 7.36 -32.02
CA GLN B 245 10.03 6.18 -31.19
C GLN B 245 8.64 5.66 -31.50
N PRO B 246 8.43 4.35 -31.34
CA PRO B 246 7.08 3.81 -31.56
C PRO B 246 6.04 4.25 -30.54
N LEU B 247 4.82 4.45 -31.02
CA LEU B 247 3.70 4.78 -30.16
C LEU B 247 3.30 3.67 -29.23
N ASN B 248 3.52 2.41 -29.62
CA ASN B 248 3.13 1.26 -28.80
C ASN B 248 1.71 1.33 -28.30
N GLY B 249 0.79 1.67 -29.18
CA GLY B 249 -0.61 1.73 -28.82
C GLY B 249 -1.13 3.07 -28.36
N ARG B 250 -0.26 4.00 -28.02
CA ARG B 250 -0.71 5.35 -27.64
C ARG B 250 -1.40 6.00 -28.84
N VAL B 251 -2.49 6.72 -28.59
CA VAL B 251 -3.19 7.43 -29.64
C VAL B 251 -2.90 8.93 -29.45
N ILE B 252 -2.43 9.59 -30.51
CA ILE B 252 -2.21 11.04 -30.46
C ILE B 252 -3.56 11.72 -30.59
N GLU B 253 -3.81 12.68 -29.72
CA GLU B 253 -5.03 13.44 -29.76
C GLU B 253 -4.80 14.75 -30.50
N ALA B 254 -5.89 15.30 -31.03
CA ALA B 254 -5.89 16.57 -31.74
C ALA B 254 -6.99 17.44 -31.19
N SER B 255 -6.74 18.75 -31.13
CA SER B 255 -7.70 19.69 -30.58
C SER B 255 -8.64 20.25 -31.65
N PHE B 256 -8.59 19.72 -32.86
CA PHE B 256 -9.38 20.23 -33.98
C PHE B 256 -9.83 19.09 -34.90
N PRO B 257 -11.01 19.21 -35.53
CA PRO B 257 -11.49 18.13 -36.39
C PRO B 257 -10.72 18.04 -37.68
N TRP C 7 11.29 16.25 13.14
CA TRP C 7 12.33 15.65 14.04
C TRP C 7 13.70 15.54 13.34
N ARG C 8 14.72 15.19 14.13
CA ARG C 8 16.09 15.04 13.62
C ARG C 8 16.99 14.20 14.53
N TYR C 9 18.08 13.69 13.97
CA TYR C 9 19.21 13.17 14.74
C TYR C 9 20.06 14.32 15.33
N GLY C 10 19.92 15.52 14.76
CA GLY C 10 20.60 16.73 15.24
C GLY C 10 20.42 17.10 16.70
N GLY C 11 19.17 17.15 17.18
CA GLY C 11 18.91 17.53 18.57
C GLY C 11 17.45 17.50 18.98
N ASP C 12 16.75 18.63 18.81
CA ASP C 12 15.37 18.80 19.27
C ASP C 12 14.44 19.21 18.11
N PRO C 13 13.12 18.93 18.18
CA PRO C 13 12.51 18.15 19.25
C PRO C 13 12.64 16.64 19.00
N PRO C 14 12.50 16.75 22.06
CA PRO C 14 12.49 15.31 22.32
C PRO C 14 11.66 14.50 21.31
N TRP C 15 12.14 13.30 20.93
CA TRP C 15 11.37 12.30 20.14
C TRP C 15 10.01 11.89 20.76
N PRO C 16 9.92 11.74 22.11
CA PRO C 16 8.61 11.53 22.78
C PRO C 16 7.56 12.64 22.57
N ARG C 17 8.00 13.90 22.40
CA ARG C 17 7.09 15.01 22.03
C ARG C 17 6.53 14.82 20.62
N VAL C 18 7.35 14.25 19.73
CA VAL C 18 6.96 13.95 18.34
C VAL C 18 6.04 12.72 18.30
N SER C 19 6.40 11.65 18.99
CA SER C 19 5.54 10.47 19.13
C SER C 19 5.72 9.78 20.50
N PRO C 20 4.61 9.57 21.25
CA PRO C 20 4.71 8.94 22.58
C PRO C 20 5.17 7.45 22.55
N ALA C 21 5.01 6.76 21.41
CA ALA C 21 5.52 5.40 21.26
C ALA C 21 7.05 5.31 21.37
N CYS C 22 7.76 6.42 21.09
CA CYS C 22 9.22 6.48 21.27
C CYS C 22 9.66 6.38 22.75
N ALA C 23 8.68 6.46 23.66
CA ALA C 23 8.87 6.23 25.08
C ALA C 23 8.42 4.83 25.55
N GLY C 24 8.22 3.88 24.64
CA GLY C 24 7.80 2.53 25.04
C GLY C 24 8.94 1.74 25.69
N ARG C 25 8.58 0.61 26.31
CA ARG C 25 9.53 -0.20 27.06
C ARG C 25 10.36 -1.13 26.21
N PHE C 26 9.84 -1.49 25.03
CA PHE C 26 10.39 -2.52 24.16
C PHE C 26 10.78 -1.93 22.80
N GLN C 27 11.83 -1.13 22.83
CA GLN C 27 12.32 -0.38 21.68
C GLN C 27 13.51 -1.06 20.99
N SER C 28 13.85 -0.56 19.81
CA SER C 28 14.99 -0.99 19.03
C SER C 28 15.82 0.25 18.72
N PRO C 29 17.10 0.12 18.36
CA PRO C 29 17.84 -1.10 18.30
C PRO C 29 18.36 -1.52 19.70
N VAL C 30 18.92 -2.70 19.74
CA VAL C 30 19.45 -3.30 20.98
C VAL C 30 20.85 -3.84 20.73
N ASP C 31 21.55 -4.12 21.82
CA ASP C 31 22.85 -4.77 21.79
C ASP C 31 22.61 -6.25 21.82
N ILE C 32 23.08 -6.94 20.80
CA ILE C 32 22.93 -8.38 20.72
C ILE C 32 24.10 -9.01 21.48
N ARG C 33 23.77 -9.79 22.52
CA ARG C 33 24.73 -10.57 23.32
CA ARG C 33 24.74 -10.56 23.30
C ARG C 33 24.53 -12.04 23.00
N PRO C 34 25.33 -12.60 22.06
CA PRO C 34 25.07 -13.98 21.64
C PRO C 34 25.06 -15.04 22.73
N GLN C 35 25.83 -14.85 23.81
CA GLN C 35 25.78 -15.73 24.99
C GLN C 35 24.37 -15.85 25.56
N LEU C 36 23.69 -14.71 25.68
CA LEU C 36 22.35 -14.64 26.28
C LEU C 36 21.20 -15.00 25.33
N ALA C 37 21.48 -15.26 24.06
CA ALA C 37 20.43 -15.56 23.10
C ALA C 37 19.93 -16.97 23.31
N ALA C 38 18.63 -17.17 23.12
CA ALA C 38 18.03 -18.47 23.24
C ALA C 38 18.06 -19.15 21.88
N PHE C 39 18.74 -20.31 21.79
CA PHE C 39 18.68 -21.13 20.59
C PHE C 39 17.28 -21.68 20.44
N SER C 40 16.71 -21.51 19.24
CA SER C 40 15.30 -21.82 18.99
C SER C 40 15.19 -22.53 17.63
N PRO C 41 15.25 -23.87 17.63
CA PRO C 41 15.26 -24.62 16.37
C PRO C 41 13.98 -24.53 15.56
N ALA C 42 12.93 -23.90 16.08
CA ALA C 42 11.77 -23.57 15.26
C ALA C 42 12.09 -22.53 14.17
N LEU C 43 13.15 -21.74 14.38
CA LEU C 43 13.56 -20.70 13.44
C LEU C 43 14.21 -21.27 12.19
N ARG C 44 13.42 -21.35 11.12
CA ARG C 44 13.87 -21.91 9.84
C ARG C 44 14.55 -20.85 8.97
N PRO C 45 15.18 -21.28 7.86
CA PRO C 45 15.78 -20.28 6.98
C PRO C 45 14.73 -19.35 6.35
N LEU C 46 15.10 -18.07 6.24
CA LEU C 46 14.23 -17.05 5.64
C LEU C 46 14.09 -17.35 4.16
N GLU C 47 12.90 -17.12 3.62
CA GLU C 47 12.62 -17.33 2.21
C GLU C 47 12.13 -16.04 1.56
N LEU C 48 12.79 -15.66 0.47
CA LEU C 48 12.45 -14.46 -0.33
C LEU C 48 12.00 -14.88 -1.71
N LEU C 49 10.92 -14.28 -2.19
CA LEU C 49 10.43 -14.44 -3.57
C LEU C 49 10.23 -13.04 -4.19
N GLY C 50 10.64 -12.88 -5.45
CA GLY C 50 10.41 -11.65 -6.20
C GLY C 50 11.43 -10.55 -6.04
N PHE C 51 12.55 -10.86 -5.38
CA PHE C 51 13.56 -9.85 -5.06
C PHE C 51 14.53 -9.54 -6.21
N GLN C 52 14.59 -10.44 -7.19
CA GLN C 52 15.49 -10.24 -8.34
C GLN C 52 14.73 -9.41 -9.36
N LEU C 53 14.86 -8.09 -9.26
CA LEU C 53 14.06 -7.19 -10.08
C LEU C 53 14.71 -6.94 -11.45
N PRO C 54 13.86 -6.80 -12.49
CA PRO C 54 14.38 -6.35 -13.79
C PRO C 54 14.75 -4.87 -13.74
N PRO C 55 15.50 -4.37 -14.76
CA PRO C 55 15.88 -2.95 -14.79
C PRO C 55 14.70 -1.96 -14.83
N LEU C 56 13.64 -2.31 -15.56
CA LEU C 56 12.41 -1.51 -15.58
C LEU C 56 11.27 -2.28 -14.98
N PRO C 57 10.35 -1.60 -14.29
CA PRO C 57 10.33 -0.15 -14.02
C PRO C 57 11.42 0.28 -13.06
N GLU C 58 11.83 1.54 -13.17
CA GLU C 58 12.81 2.09 -12.25
C GLU C 58 12.21 2.28 -10.84
N LEU C 59 13.09 2.42 -9.87
CA LEU C 59 12.75 2.60 -8.46
C LEU C 59 13.19 3.99 -8.03
N ARG C 60 12.49 4.55 -7.04
CA ARG C 60 12.81 5.87 -6.53
C ARG C 60 13.76 5.73 -5.33
N LEU C 61 14.91 6.38 -5.46
CA LEU C 61 15.94 6.49 -4.44
C LEU C 61 15.92 7.92 -3.90
N ARG C 62 15.64 8.07 -2.62
CA ARG C 62 15.40 9.38 -2.03
C ARG C 62 16.29 9.63 -0.81
N ASN C 63 16.86 10.83 -0.77
CA ASN C 63 17.48 11.36 0.45
C ASN C 63 16.34 12.01 1.22
N ASN C 64 15.86 11.34 2.27
CA ASN C 64 14.76 11.87 3.06
C ASN C 64 15.19 12.74 4.25
N GLY C 65 16.50 13.00 4.37
CA GLY C 65 17.03 13.84 5.44
C GLY C 65 17.47 13.04 6.66
N HIS C 66 16.95 11.83 6.81
CA HIS C 66 17.32 10.93 7.91
C HIS C 66 18.14 9.75 7.39
N SER C 67 17.91 9.34 6.15
CA SER C 67 18.58 8.20 5.55
C SER C 67 18.48 8.30 4.01
N VAL C 68 19.04 7.34 3.31
CA VAL C 68 18.70 7.14 1.91
C VAL C 68 17.76 5.97 1.86
N GLN C 69 16.61 6.15 1.21
CA GLN C 69 15.60 5.10 1.05
C GLN C 69 15.42 4.70 -0.42
N LEU C 70 15.15 3.43 -0.63
CA LEU C 70 14.79 2.91 -1.91
C LEU C 70 13.43 2.30 -1.72
N THR C 71 12.44 2.85 -2.40
CA THR C 71 11.08 2.34 -2.34
C THR C 71 10.98 1.15 -3.27
N LEU C 72 10.42 0.06 -2.75
CA LEU C 72 10.40 -1.19 -3.44
C LEU C 72 9.03 -1.40 -4.08
N PRO C 73 9.00 -2.11 -5.23
CA PRO C 73 7.71 -2.31 -5.90
C PRO C 73 6.88 -3.41 -5.27
N PRO C 74 5.61 -3.54 -5.67
CA PRO C 74 4.84 -4.70 -5.28
C PRO C 74 5.24 -5.93 -6.11
N GLY C 75 5.23 -7.20 -4.81
CA GLY C 75 5.46 -8.57 -5.19
C GLY C 75 6.79 -9.06 -4.70
N LEU C 76 7.41 -8.36 -3.74
CA LEU C 76 8.59 -8.86 -3.01
C LEU C 76 8.06 -9.51 -1.75
N GLU C 77 8.00 -10.84 -1.75
CA GLU C 77 7.41 -11.61 -0.65
C GLU C 77 8.51 -12.16 0.21
N MET C 78 8.28 -12.15 1.51
CA MET C 78 9.23 -12.66 2.48
C MET C 78 8.47 -13.44 3.53
N ALA C 79 8.94 -14.66 3.82
CA ALA C 79 8.40 -15.48 4.90
C ALA C 79 9.45 -15.70 6.01
N LEU C 80 9.09 -15.36 7.24
CA LEU C 80 9.95 -15.62 8.42
C LEU C 80 9.82 -17.08 8.88
N GLY C 81 8.75 -17.71 8.45
CA GLY C 81 8.56 -19.11 8.68
C GLY C 81 7.20 -19.38 8.10
N PRO C 82 6.56 -21.08 8.31
CA PRO C 82 5.20 -21.30 7.81
C PRO C 82 4.22 -20.30 8.43
N GLY C 83 3.42 -19.68 7.58
CA GLY C 83 2.39 -18.75 8.03
C GLY C 83 2.81 -17.40 8.57
N ARG C 84 4.07 -17.01 8.40
CA ARG C 84 4.58 -15.71 8.87
C ARG C 84 5.06 -14.94 7.63
N GLU C 85 4.08 -14.39 6.88
CA GLU C 85 4.31 -13.90 5.53
C GLU C 85 4.23 -12.38 5.48
N TYR C 86 5.19 -11.79 4.75
CA TYR C 86 5.38 -10.35 4.65
C TYR C 86 5.62 -9.92 3.20
N ARG C 87 5.48 -8.61 2.98
CA ARG C 87 5.78 -7.99 1.68
CA ARG C 87 5.80 -8.00 1.68
C ARG C 87 6.69 -6.78 1.91
N ALA C 88 7.74 -6.69 1.12
CA ALA C 88 8.71 -5.63 1.27
C ALA C 88 8.13 -4.30 0.84
N LEU C 89 8.41 -3.25 1.63
CA LEU C 89 8.00 -1.89 1.34
C LEU C 89 9.13 -0.99 0.79
N GLN C 90 10.27 -1.06 1.46
CA GLN C 90 11.38 -0.19 1.15
C GLN C 90 12.63 -0.75 1.82
N LEU C 91 13.76 -0.17 1.47
CA LEU C 91 14.97 -0.37 2.23
C LEU C 91 15.65 0.96 2.43
N HIS C 92 16.53 0.98 3.43
CA HIS C 92 17.29 2.16 3.79
C HIS C 92 18.54 1.77 4.61
N LEU C 93 19.38 2.74 4.91
CA LEU C 93 20.69 2.47 5.52
C LEU C 93 20.98 3.36 6.71
N HIS C 94 21.84 2.84 7.59
CA HIS C 94 22.34 3.63 8.71
C HIS C 94 23.86 3.53 8.64
N TRP C 95 24.53 4.64 8.88
CA TRP C 95 25.99 4.73 8.68
C TRP C 95 26.59 5.75 9.62
N GLY C 96 27.91 5.74 9.69
CA GLY C 96 28.62 6.61 10.62
C GLY C 96 29.18 7.89 10.01
N ALA C 97 30.50 8.05 10.15
CA ALA C 97 31.23 9.19 9.60
C ALA C 97 32.69 8.76 9.46
N ALA C 98 33.55 9.70 9.07
CA ALA C 98 34.97 9.39 8.86
C ALA C 98 35.56 8.62 10.04
N GLY C 99 35.89 7.35 9.82
CA GLY C 99 36.37 6.45 10.89
C GLY C 99 35.56 6.33 12.17
N ARG C 100 34.23 6.45 12.08
CA ARG C 100 33.31 6.24 13.21
C ARG C 100 32.19 5.32 12.73
N PRO C 101 32.00 4.18 13.40
CA PRO C 101 30.99 3.24 12.91
C PRO C 101 29.56 3.77 13.17
N GLY C 102 28.60 3.23 12.43
CA GLY C 102 27.23 3.74 12.52
C GLY C 102 26.09 2.77 12.35
N SER C 103 26.33 1.47 12.58
CA SER C 103 25.26 0.50 12.65
C SER C 103 24.36 0.85 13.83
N GLU C 104 23.12 0.34 13.78
CA GLU C 104 22.14 0.65 14.81
C GLU C 104 22.26 -0.43 15.88
N HIS C 105 22.11 -1.68 15.48
CA HIS C 105 22.38 -2.80 16.35
C HIS C 105 23.89 -2.90 16.61
N THR C 106 24.23 -3.36 17.82
CA THR C 106 25.61 -3.64 18.22
C THR C 106 25.68 -5.10 18.66
N VAL C 107 26.87 -5.69 18.57
CA VAL C 107 27.08 -7.06 19.02
C VAL C 107 28.15 -7.06 20.10
N GLU C 108 27.76 -7.48 21.32
CA GLU C 108 28.63 -7.40 22.52
C GLU C 108 29.32 -6.04 22.58
N GLY C 109 28.53 -5.00 22.36
CA GLY C 109 29.02 -3.62 22.40
C GLY C 109 29.66 -3.14 21.11
N HIS C 110 30.02 -4.03 20.18
CA HIS C 110 30.69 -3.62 18.96
C HIS C 110 29.68 -3.02 17.94
N ARG C 111 29.97 -1.80 17.49
CA ARG C 111 29.24 -1.13 16.40
C ARG C 111 29.95 -1.36 15.06
N PHE C 112 29.19 -1.77 14.04
CA PHE C 112 29.74 -2.03 12.72
C PHE C 112 29.69 -0.73 11.91
N PRO C 113 30.48 -0.63 10.82
CA PRO C 113 30.50 0.60 10.01
C PRO C 113 29.12 1.09 9.56
N ALA C 114 28.29 0.19 9.05
CA ALA C 114 26.94 0.57 8.61
C ALA C 114 25.95 -0.60 8.71
N GLU C 115 24.66 -0.33 8.43
CA GLU C 115 23.62 -1.38 8.50
C GLU C 115 22.53 -1.09 7.47
N ILE C 116 22.01 -2.14 6.87
CA ILE C 116 20.90 -2.08 5.91
C ILE C 116 19.64 -2.68 6.52
N HIS C 117 18.52 -1.99 6.34
CA HIS C 117 17.23 -2.42 6.81
C HIS C 117 16.27 -2.58 5.62
N VAL C 118 15.66 -3.76 5.48
CA VAL C 118 14.56 -3.98 4.55
C VAL C 118 13.23 -4.10 5.34
N VAL C 119 12.35 -3.10 5.19
CA VAL C 119 11.11 -3.00 5.97
C VAL C 119 9.98 -3.69 5.22
N HIS C 120 9.26 -4.57 5.93
CA HIS C 120 8.18 -5.36 5.37
C HIS C 120 6.88 -5.20 6.16
N LEU C 121 5.76 -5.40 5.46
CA LEU C 121 4.42 -5.34 6.02
C LEU C 121 3.82 -6.75 6.00
N SER C 122 3.22 -7.16 7.12
CA SER C 122 2.51 -8.45 7.17
C SER C 122 1.39 -8.45 6.12
N THR C 123 1.21 -9.60 5.46
CA THR C 123 0.24 -9.76 4.37
C THR C 123 -1.15 -9.89 4.93
N ALA C 124 -1.42 -9.73 6.67
CA ALA C 124 -2.73 -9.60 7.28
C ALA C 124 -3.18 -8.14 7.27
N PHE C 125 -2.31 -7.23 6.83
CA PHE C 125 -2.61 -5.81 6.84
C PHE C 125 -2.44 -5.18 5.47
N ALA C 126 -3.47 -4.44 5.05
CA ALA C 126 -3.41 -3.72 3.77
C ALA C 126 -2.54 -2.49 3.86
N ARG C 127 -2.53 -1.83 5.02
CA ARG C 127 -1.78 -0.57 5.16
C ARG C 127 -0.86 -0.59 6.36
N VAL C 128 0.20 0.21 6.26
CA VAL C 128 1.12 0.42 7.35
C VAL C 128 0.42 0.93 8.61
N ASP C 129 -0.49 1.90 8.46
CA ASP C 129 -1.08 2.49 9.67
C ASP C 129 -1.95 1.53 10.51
N GLU C 130 -2.54 0.49 9.94
CA GLU C 130 -3.15 -0.60 10.73
C GLU C 130 -2.14 -1.54 11.39
N ALA C 131 -0.97 -1.67 10.79
CA ALA C 131 0.04 -2.61 11.26
C ALA C 131 0.87 -2.02 12.41
N LEU C 132 0.95 -0.69 12.46
CA LEU C 132 1.79 -0.02 13.42
C LEU C 132 1.32 -0.37 14.84
N GLY C 133 2.25 -0.79 15.69
CA GLY C 133 1.92 -1.13 17.06
C GLY C 133 1.21 -2.47 17.18
N ARG C 134 0.97 -3.18 16.07
CA ARG C 134 0.29 -4.47 16.15
C ARG C 134 1.35 -5.59 16.18
N PRO C 135 1.06 -6.71 16.88
CA PRO C 135 2.07 -7.77 17.01
C PRO C 135 2.44 -8.39 15.67
N GLY C 136 3.70 -8.30 15.31
CA GLY C 136 4.19 -8.79 14.02
C GLY C 136 3.66 -8.07 12.78
N GLY C 137 3.13 -6.86 12.96
CA GLY C 137 2.55 -6.09 11.85
C GLY C 137 3.59 -5.68 10.82
N LEU C 138 4.76 -5.27 11.32
CA LEU C 138 5.93 -4.98 10.48
C LEU C 138 7.07 -5.90 10.87
N ALA C 139 7.93 -6.19 9.89
CA ALA C 139 9.11 -7.00 10.05
C ALA C 139 10.25 -6.36 9.30
N VAL C 140 11.38 -6.16 9.97
CA VAL C 140 12.57 -5.61 9.35
C VAL C 140 13.68 -6.69 9.25
N LEU C 141 14.26 -6.82 8.06
CA LEU C 141 15.49 -7.62 7.88
C LEU C 141 16.69 -6.71 8.00
N ALA C 142 17.66 -7.08 8.84
CA ALA C 142 18.78 -6.21 9.11
C ALA C 142 20.10 -6.96 8.90
N ALA C 143 21.07 -6.28 8.29
CA ALA C 143 22.37 -6.86 8.04
C ALA C 143 23.43 -5.82 8.26
N PHE C 144 24.54 -6.23 8.88
CA PHE C 144 25.67 -5.30 9.09
C PHE C 144 26.51 -5.21 7.83
N LEU C 145 27.01 -4.01 7.57
CA LEU C 145 27.97 -3.78 6.52
C LEU C 145 29.36 -3.55 7.15
N GLU C 146 30.35 -4.29 6.67
CA GLU C 146 31.76 -4.13 7.09
C GLU C 146 32.67 -3.79 5.93
N GLU C 147 33.82 -3.21 6.28
CA GLU C 147 34.88 -2.95 5.32
C GLU C 147 35.52 -4.26 4.91
N GLY C 148 35.50 -4.52 3.61
CA GLY C 148 36.23 -5.64 3.01
C GLY C 148 37.19 -5.12 1.94
N PRO C 149 38.00 -6.01 1.35
CA PRO C 149 38.97 -5.61 0.33
C PRO C 149 38.36 -5.29 -1.05
N GLU C 150 37.31 -6.01 -1.45
CA GLU C 150 36.71 -5.87 -2.79
C GLU C 150 35.56 -4.85 -2.83
N GLU C 151 35.31 -4.32 -4.03
CA GLU C 151 34.15 -3.48 -4.27
C GLU C 151 32.91 -4.37 -4.39
N ASN C 152 31.87 -4.06 -3.60
CA ASN C 152 30.58 -4.73 -3.72
C ASN C 152 29.83 -4.12 -4.90
N SER C 153 29.65 -4.91 -5.96
CA SER C 153 29.02 -4.42 -7.18
C SER C 153 27.51 -4.26 -7.01
N ALA C 154 26.87 -5.13 -6.23
CA ALA C 154 25.46 -4.95 -5.94
C ALA C 154 25.24 -3.57 -5.31
N TYR C 155 26.03 -3.21 -4.30
CA TYR C 155 25.93 -1.89 -3.65
C TYR C 155 26.36 -0.73 -4.54
N GLU C 156 27.31 -0.99 -5.43
CA GLU C 156 27.82 0.06 -6.34
C GLU C 156 26.70 0.72 -7.16
N GLN C 157 25.75 -0.09 -7.63
CA GLN C 157 24.53 0.38 -8.33
C GLN C 157 23.77 1.48 -7.60
N LEU C 158 23.68 1.39 -6.28
CA LEU C 158 23.06 2.45 -5.48
C LEU C 158 24.04 3.55 -5.08
N LEU C 159 25.26 3.18 -4.69
CA LEU C 159 26.21 4.17 -4.17
C LEU C 159 26.66 5.17 -5.26
N SER C 160 26.73 4.72 -6.51
CA SER C 160 27.05 5.59 -7.66
C SER C 160 25.98 6.63 -7.97
N ARG C 161 24.76 6.47 -7.43
CA ARG C 161 23.68 7.45 -7.62
C ARG C 161 23.51 8.43 -6.45
N LEU C 162 24.29 8.28 -5.38
CA LEU C 162 24.13 9.13 -4.21
C LEU C 162 24.46 10.57 -4.46
N GLU C 163 25.46 10.83 -5.30
CA GLU C 163 25.81 12.23 -5.63
C GLU C 163 24.63 13.04 -6.17
N GLU C 164 23.82 12.41 -7.00
CA GLU C 164 22.59 13.02 -7.55
C GLU C 164 21.59 13.43 -6.51
N ILE C 165 21.60 12.77 -5.35
CA ILE C 165 20.62 13.07 -4.32
C ILE C 165 21.24 13.69 -3.07
N ALA C 166 22.36 14.40 -3.25
CA ALA C 166 23.12 14.95 -2.13
C ALA C 166 22.27 15.92 -1.33
N GLU C 167 21.42 16.67 -2.01
CA GLU C 167 20.54 17.62 -1.35
C GLU C 167 19.49 16.90 -0.52
N GLU C 168 19.25 17.40 0.69
CA GLU C 168 18.18 16.88 1.53
C GLU C 168 16.83 17.00 0.81
N GLY C 169 16.07 15.91 0.82
CA GLY C 169 14.73 15.88 0.23
C GLY C 169 14.71 15.70 -1.28
N SER C 170 15.81 15.23 -1.83
CA SER C 170 15.93 15.07 -3.27
C SER C 170 15.86 13.59 -3.58
N GLU C 171 15.53 13.30 -4.82
CA GLU C 171 15.35 11.93 -5.27
C GLU C 171 15.66 11.73 -6.74
N THR C 172 15.89 10.48 -7.08
CA THR C 172 16.23 10.11 -8.43
C THR C 172 15.71 8.72 -8.70
N GLN C 173 15.37 8.46 -9.97
CA GLN C 173 14.95 7.14 -10.41
C GLN C 173 16.18 6.32 -10.75
N VAL C 174 16.22 5.07 -10.32
CA VAL C 174 17.35 4.16 -10.59
C VAL C 174 16.80 2.83 -11.11
N PRO C 175 17.58 2.09 -11.92
CA PRO C 175 17.11 0.79 -12.40
C PRO C 175 16.85 -0.21 -11.27
N GLY C 176 15.84 -1.08 -11.46
CA GLY C 176 15.67 -2.23 -10.58
C GLY C 176 16.94 -3.07 -10.58
N LEU C 177 17.15 -3.80 -9.49
CA LEU C 177 18.34 -4.61 -9.27
C LEU C 177 17.97 -5.79 -8.39
N ASP C 178 18.92 -6.71 -8.22
CA ASP C 178 18.70 -7.85 -7.34
C ASP C 178 18.81 -7.37 -5.88
N ILE C 179 17.66 -7.15 -5.25
CA ILE C 179 17.62 -6.62 -3.89
C ILE C 179 18.23 -7.63 -2.89
N SER C 180 18.04 -8.92 -3.16
CA SER C 180 18.62 -9.96 -2.31
C SER C 180 20.17 -9.96 -2.34
N ALA C 181 20.78 -9.43 -3.40
CA ALA C 181 22.23 -9.34 -3.45
C ALA C 181 22.79 -8.22 -2.59
N LEU C 182 21.94 -7.40 -1.96
CA LEU C 182 22.39 -6.40 -0.96
C LEU C 182 22.45 -6.98 0.47
N LEU C 183 21.95 -8.20 0.61
CA LEU C 183 21.89 -8.94 1.87
C LEU C 183 22.87 -10.13 1.85
N PRO C 184 23.22 -10.68 3.04
CA PRO C 184 24.07 -11.88 3.07
C PRO C 184 23.50 -13.09 2.34
N SER C 185 24.37 -13.99 1.89
CA SER C 185 23.93 -15.25 1.25
C SER C 185 23.37 -16.27 2.24
N ASP C 186 23.81 -16.23 3.49
CA ASP C 186 23.28 -17.15 4.51
C ASP C 186 22.00 -16.62 5.18
N PHE C 187 20.88 -17.23 4.83
CA PHE C 187 19.55 -16.88 5.32
C PHE C 187 19.11 -17.81 6.44
N SER C 188 19.99 -18.74 6.87
CA SER C 188 19.66 -19.72 7.90
C SER C 188 20.12 -19.29 9.31
N ARG C 189 21.10 -18.38 9.37
CA ARG C 189 21.74 -18.02 10.65
C ARG C 189 21.45 -16.57 11.02
N TYR C 190 20.62 -16.38 12.04
CA TYR C 190 20.21 -15.05 12.45
C TYR C 190 19.75 -14.98 13.89
N PHE C 191 19.64 -13.73 14.35
CA PHE C 191 18.99 -13.40 15.60
C PHE C 191 17.61 -12.79 15.33
N GLN C 192 16.66 -13.04 16.21
CA GLN C 192 15.34 -12.50 16.05
C GLN C 192 14.76 -12.03 17.39
N TYR C 193 14.23 -10.81 17.41
CA TYR C 193 13.52 -10.30 18.58
C TYR C 193 12.41 -9.32 18.19
N GLU C 194 11.53 -9.05 19.15
CA GLU C 194 10.44 -8.13 18.94
C GLU C 194 10.86 -6.79 19.50
N GLY C 195 10.72 -5.75 18.69
CA GLY C 195 11.07 -4.40 19.10
C GLY C 195 10.23 -3.33 18.43
N SER C 196 10.88 -2.23 18.05
CA SER C 196 10.20 -1.07 17.51
C SER C 196 10.88 -0.55 16.24
N LEU C 197 10.24 0.44 15.64
CA LEU C 197 10.86 1.23 14.61
C LEU C 197 11.85 2.11 15.34
N THR C 198 12.95 2.43 14.67
CA THR C 198 14.00 3.22 15.30
C THR C 198 13.91 4.70 14.97
N THR C 199 12.90 5.09 14.20
CA THR C 199 12.57 6.48 14.00
C THR C 199 11.12 6.69 14.42
N PRO C 200 10.72 7.96 14.67
CA PRO C 200 9.30 8.23 14.94
C PRO C 200 8.44 7.69 13.81
N PRO C 201 7.31 7.06 14.09
CA PRO C 201 6.67 7.02 15.41
C PRO C 201 7.20 6.01 16.45
N CYS C 202 8.22 5.22 16.13
CA CYS C 202 8.79 4.23 17.08
C CYS C 202 7.78 3.19 17.57
N ALA C 203 6.87 2.77 16.69
CA ALA C 203 5.83 1.86 17.08
C ALA C 203 6.44 0.49 17.38
N GLN C 204 5.90 -0.16 18.43
CA GLN C 204 6.35 -1.49 18.84
C GLN C 204 5.62 -2.61 18.09
N GLY C 205 5.95 -3.86 18.39
CA GLY C 205 5.42 -5.03 17.71
C GLY C 205 6.17 -5.37 16.43
N VAL C 206 7.32 -4.75 16.20
CA VAL C 206 8.14 -5.00 15.01
C VAL C 206 9.01 -6.24 15.24
N ILE C 207 8.94 -7.22 14.34
CA ILE C 207 9.85 -8.38 14.37
C ILE C 207 11.15 -8.03 13.63
N TRP C 208 12.23 -7.93 14.40
CA TRP C 208 13.56 -7.71 13.86
C TRP C 208 14.30 -9.01 13.68
N THR C 209 14.82 -9.22 12.48
CA THR C 209 15.65 -10.34 12.16
C THR C 209 17.00 -9.82 11.72
N VAL C 210 18.06 -10.15 12.49
CA VAL C 210 19.40 -9.61 12.27
C VAL C 210 20.32 -10.76 11.85
N PHE C 211 20.87 -10.69 10.64
CA PHE C 211 21.68 -11.81 10.10
C PHE C 211 22.96 -11.98 10.90
N ASN C 212 23.40 -13.23 11.07
CA ASN C 212 24.75 -13.53 11.62
C ASN C 212 25.84 -13.07 10.62
N GLN C 213 25.75 -13.53 9.38
CA GLN C 213 26.72 -13.16 8.33
C GLN C 213 26.62 -11.66 7.97
N THR C 214 27.76 -11.02 7.69
CA THR C 214 27.79 -9.63 7.27
C THR C 214 27.99 -9.50 5.76
N VAL C 215 27.93 -8.26 5.29
CA VAL C 215 28.10 -7.91 3.89
C VAL C 215 29.32 -7.01 3.81
N MET C 216 30.16 -7.25 2.81
CA MET C 216 31.42 -6.53 2.63
C MET C 216 31.28 -5.43 1.60
N LEU C 217 31.57 -4.20 2.00
CA LEU C 217 31.76 -3.07 1.10
C LEU C 217 33.24 -2.66 1.15
N SER C 218 33.72 -2.00 0.11
CA SER C 218 35.08 -1.45 0.11
C SER C 218 35.12 -0.20 0.96
N ALA C 219 36.31 0.22 1.32
CA ALA C 219 36.48 1.41 2.15
C ALA C 219 35.97 2.65 1.43
N LYS C 220 36.21 2.69 0.11
CA LYS C 220 35.73 3.80 -0.73
C LYS C 220 34.19 3.89 -0.73
N GLN C 221 33.55 2.75 -0.92
CA GLN C 221 32.07 2.59 -0.86
C GLN C 221 31.51 3.09 0.48
N LEU C 222 32.14 2.70 1.58
CA LEU C 222 31.70 3.13 2.91
C LEU C 222 31.89 4.62 3.06
N HIS C 223 32.96 5.16 2.47
CA HIS C 223 33.19 6.61 2.46
C HIS C 223 32.18 7.34 1.59
N THR C 224 31.84 6.77 0.43
CA THR C 224 30.79 7.32 -0.43
C THR C 224 29.44 7.37 0.34
N LEU C 225 29.06 6.26 0.98
CA LEU C 225 27.85 6.23 1.80
C LEU C 225 27.81 7.34 2.85
N SER C 226 28.92 7.52 3.58
CA SER C 226 28.94 8.46 4.71
C SER C 226 29.28 9.90 4.35
N ASP C 227 29.89 10.13 3.19
CA ASP C 227 30.37 11.47 2.86
C ASP C 227 29.59 12.23 1.77
N THR C 228 28.54 11.65 1.20
CA THR C 228 27.87 12.25 0.04
C THR C 228 26.60 13.05 0.36
N LEU C 229 25.77 12.54 1.27
CA LEU C 229 24.42 13.08 1.46
C LEU C 229 24.40 14.16 2.52
N TRP C 230 23.56 15.16 2.32
CA TRP C 230 23.36 16.23 3.28
C TRP C 230 21.98 16.11 3.93
N GLY C 231 21.87 16.67 5.12
CA GLY C 231 20.72 16.51 5.98
C GLY C 231 20.23 17.87 6.42
N PRO C 232 19.41 17.92 7.49
CA PRO C 232 18.88 19.19 7.96
C PRO C 232 19.84 19.88 8.93
N GLY C 233 18.81 22.41 7.65
CA GLY C 233 20.10 22.92 8.13
C GLY C 233 21.28 22.46 7.28
N ASP C 234 22.47 22.92 7.62
CA ASP C 234 23.63 22.80 6.76
C ASP C 234 24.48 21.56 7.03
N SER C 235 23.91 20.49 7.59
CA SER C 235 24.72 19.39 8.11
C SER C 235 24.88 18.25 7.13
N ARG C 236 26.02 17.58 7.22
CA ARG C 236 26.21 16.29 6.57
C ARG C 236 25.27 15.26 7.19
N LEU C 237 24.77 14.33 6.37
CA LEU C 237 23.88 13.28 6.86
C LEU C 237 24.78 12.12 7.26
N GLN C 238 25.05 12.05 8.56
CA GLN C 238 26.04 11.10 9.10
C GLN C 238 25.60 10.71 10.48
N LEU C 239 26.11 9.57 10.95
CA LEU C 239 25.87 9.12 12.31
C LEU C 239 24.36 9.01 12.54
N ASN C 240 23.68 8.40 11.58
CA ASN C 240 22.20 8.40 11.54
C ASN C 240 21.62 7.13 12.17
N PHE C 241 22.03 6.87 13.41
CA PHE C 241 21.64 5.68 14.16
C PHE C 241 21.05 6.09 15.50
N ARG C 242 20.09 5.32 15.98
CA ARG C 242 19.48 5.58 17.27
C ARG C 242 20.38 4.94 18.34
N ALA C 243 20.40 5.52 19.53
CA ALA C 243 21.13 4.91 20.66
C ALA C 243 20.54 3.54 20.99
N THR C 244 21.42 2.62 21.37
CA THR C 244 21.04 1.29 21.86
C THR C 244 19.98 1.41 22.94
N GLN C 245 19.02 0.49 22.93
CA GLN C 245 17.89 0.53 23.87
C GLN C 245 17.90 -0.75 24.69
N PRO C 246 17.50 -0.67 25.97
CA PRO C 246 17.58 -1.88 26.81
C PRO C 246 16.59 -2.96 26.41
N LEU C 247 17.01 -4.21 26.47
CA LEU C 247 16.12 -5.32 26.24
C LEU C 247 14.92 -5.34 27.20
N ASN C 248 15.12 -4.89 28.45
CA ASN C 248 14.04 -4.85 29.47
C ASN C 248 13.33 -6.19 29.63
N GLY C 249 14.13 -7.26 29.68
CA GLY C 249 13.61 -8.61 29.86
C GLY C 249 13.19 -9.41 28.64
N ARG C 250 13.23 -8.78 27.47
CA ARG C 250 13.07 -9.54 26.22
C ARG C 250 14.25 -10.46 26.04
N VAL C 251 14.00 -11.63 25.49
CA VAL C 251 15.06 -12.56 25.11
C VAL C 251 15.21 -12.55 23.59
N ILE C 252 16.44 -12.36 23.12
CA ILE C 252 16.75 -12.43 21.70
C ILE C 252 16.89 -13.88 21.37
N GLU C 253 16.16 -14.36 20.36
CA GLU C 253 16.29 -15.74 19.90
C GLU C 253 17.37 -15.83 18.81
N ALA C 254 17.90 -17.04 18.63
CA ALA C 254 18.95 -17.31 17.64
C ALA C 254 18.60 -18.57 16.89
N SER C 255 18.78 -18.56 15.56
CA SER C 255 18.42 -19.71 14.73
C SER C 255 19.44 -20.85 14.75
N PHE C 256 20.56 -20.64 15.44
CA PHE C 256 21.68 -21.59 15.44
C PHE C 256 22.24 -21.74 16.85
N PRO C 257 22.77 -22.94 17.17
CA PRO C 257 23.34 -23.18 18.51
C PRO C 257 24.64 -22.44 18.70
N TRP D 7 -24.33 -24.77 10.52
CA TRP D 7 -23.29 -25.81 10.75
C TRP D 7 -23.49 -26.51 12.12
N ARG D 8 -22.98 -27.74 12.22
CA ARG D 8 -22.97 -28.52 13.46
C ARG D 8 -21.76 -29.47 13.46
N TYR D 9 -21.51 -30.15 14.57
CA TYR D 9 -20.44 -31.16 14.65
C TYR D 9 -20.86 -32.53 14.08
N GLY D 10 -22.17 -32.73 13.85
CA GLY D 10 -22.72 -33.99 13.33
C GLY D 10 -22.11 -34.53 12.04
N GLY D 11 -21.97 -33.68 11.02
CA GLY D 11 -21.39 -34.10 9.74
C GLY D 11 -21.81 -33.27 8.53
N ASP D 12 -23.08 -32.87 8.49
CA ASP D 12 -23.70 -32.27 7.30
C ASP D 12 -24.05 -30.77 7.53
N PRO D 13 -23.46 -29.82 6.79
CA PRO D 13 -22.34 -30.03 5.86
C PRO D 13 -21.00 -30.01 6.59
N PRO D 14 -19.50 -30.63 4.11
CA PRO D 14 -18.17 -30.15 4.48
C PRO D 14 -18.17 -28.73 5.07
N TRP D 15 -17.23 -28.46 5.99
CA TRP D 15 -17.06 -27.14 6.62
C TRP D 15 -16.56 -26.04 5.67
N PRO D 16 -15.63 -26.38 4.74
CA PRO D 16 -15.30 -25.48 3.62
C PRO D 16 -16.51 -24.97 2.79
N ARG D 17 -17.57 -25.76 2.70
CA ARG D 17 -18.83 -25.35 2.04
C ARG D 17 -19.48 -24.12 2.71
N VAL D 18 -19.56 -24.13 4.04
CA VAL D 18 -20.03 -22.95 4.80
C VAL D 18 -18.93 -21.89 4.98
N SER D 19 -17.67 -22.33 5.15
CA SER D 19 -16.53 -21.44 5.44
C SER D 19 -15.24 -21.88 4.73
N PRO D 20 -14.95 -21.32 3.55
CA PRO D 20 -13.68 -21.56 2.87
C PRO D 20 -12.43 -21.34 3.75
N ALA D 21 -12.54 -20.44 4.74
CA ALA D 21 -11.48 -20.23 5.73
C ALA D 21 -11.03 -21.53 6.41
N CYS D 22 -11.98 -22.42 6.66
CA CYS D 22 -11.70 -23.71 7.30
C CYS D 22 -10.81 -24.65 6.52
N ALA D 23 -10.59 -24.36 5.22
CA ALA D 23 -9.64 -25.07 4.40
C ALA D 23 -8.35 -24.30 4.27
N GLY D 24 -8.11 -23.36 5.18
CA GLY D 24 -6.83 -22.67 5.26
C GLY D 24 -5.70 -23.63 5.58
N ARG D 25 -4.49 -23.13 5.39
CA ARG D 25 -3.29 -23.96 5.44
C ARG D 25 -2.75 -24.19 6.88
N PHE D 26 -3.22 -23.39 7.84
CA PHE D 26 -2.64 -23.39 9.19
C PHE D 26 -3.77 -23.40 10.20
N GLN D 27 -4.46 -24.53 10.23
CA GLN D 27 -5.63 -24.71 11.06
C GLN D 27 -5.32 -25.43 12.39
N SER D 28 -6.32 -25.40 13.27
CA SER D 28 -6.28 -26.02 14.58
C SER D 28 -7.53 -26.87 14.70
N PRO D 29 -7.54 -27.92 15.54
CA PRO D 29 -6.45 -28.33 16.40
C PRO D 29 -5.40 -29.14 15.66
N VAL D 30 -4.33 -29.48 16.38
CA VAL D 30 -3.25 -30.29 15.85
C VAL D 30 -2.87 -31.43 16.81
N ASP D 31 -2.19 -32.43 16.25
CA ASP D 31 -1.64 -33.52 17.03
C ASP D 31 -0.27 -33.08 17.53
N ILE D 32 -0.12 -33.02 18.83
CA ILE D 32 1.14 -32.58 19.45
C ILE D 32 2.00 -33.80 19.63
N ARG D 33 3.22 -33.74 19.12
CA ARG D 33 4.17 -34.83 19.25
C ARG D 33 5.37 -34.29 19.95
N PRO D 34 5.42 -34.42 21.31
CA PRO D 34 6.45 -33.81 22.15
C PRO D 34 7.90 -34.03 21.72
N GLN D 35 8.18 -35.15 21.06
CA GLN D 35 9.54 -35.49 20.60
C GLN D 35 10.00 -34.61 19.43
N LEU D 36 9.03 -34.17 18.63
CA LEU D 36 9.28 -33.26 17.50
C LEU D 36 8.99 -31.79 17.82
N ALA D 37 8.51 -31.50 19.03
CA ALA D 37 8.35 -30.11 19.48
C ALA D 37 9.71 -29.48 19.68
N ALA D 38 9.84 -28.19 19.39
CA ALA D 38 11.12 -27.48 19.58
C ALA D 38 11.16 -26.72 20.90
N PHE D 39 12.13 -27.04 21.73
CA PHE D 39 12.35 -26.33 22.98
C PHE D 39 12.83 -24.94 22.66
N SER D 40 12.05 -23.91 23.03
CA SER D 40 12.55 -22.54 23.02
C SER D 40 12.57 -21.94 24.40
N PRO D 41 13.77 -21.65 24.94
CA PRO D 41 13.85 -21.04 26.28
C PRO D 41 13.41 -19.58 26.39
N ALA D 42 13.06 -18.91 25.29
CA ALA D 42 12.47 -17.55 25.37
C ALA D 42 11.02 -17.56 25.87
N LEU D 43 10.38 -18.72 25.80
CA LEU D 43 9.01 -18.91 26.27
C LEU D 43 8.97 -18.88 27.79
N ARG D 44 8.36 -17.84 28.35
CA ARG D 44 8.38 -17.57 29.81
C ARG D 44 7.10 -18.03 30.47
N PRO D 45 7.07 -18.06 31.81
CA PRO D 45 5.81 -18.46 32.43
C PRO D 45 4.66 -17.53 32.05
N LEU D 46 3.49 -18.10 31.78
CA LEU D 46 2.29 -17.30 31.49
C LEU D 46 1.97 -16.41 32.69
N GLU D 47 1.54 -15.17 32.46
CA GLU D 47 1.09 -14.30 33.56
C GLU D 47 -0.41 -14.04 33.39
N LEU D 48 -1.19 -14.31 34.45
CA LEU D 48 -2.65 -14.15 34.43
C LEU D 48 -3.08 -13.39 35.67
N LEU D 49 -3.43 -12.12 35.50
CA LEU D 49 -3.94 -11.27 36.57
C LEU D 49 -5.42 -10.93 36.40
N GLY D 50 -6.09 -10.72 37.54
CA GLY D 50 -7.51 -10.37 37.59
C GLY D 50 -8.44 -11.54 37.41
N PHE D 51 -7.93 -12.78 37.44
CA PHE D 51 -8.75 -13.96 37.17
C PHE D 51 -9.56 -14.40 38.41
N GLN D 52 -9.21 -13.89 39.59
CA GLN D 52 -9.90 -14.33 40.83
C GLN D 52 -11.13 -13.46 41.01
N LEU D 53 -12.24 -13.84 40.39
CA LEU D 53 -13.41 -12.97 40.37
C LEU D 53 -14.19 -13.09 41.67
N PRO D 54 -14.73 -11.97 42.18
CA PRO D 54 -15.60 -12.04 43.33
C PRO D 54 -16.96 -12.64 42.96
N PRO D 55 -17.78 -13.02 43.95
CA PRO D 55 -19.07 -13.66 43.67
C PRO D 55 -20.04 -12.82 42.83
N LEU D 56 -19.95 -11.50 42.95
CA LEU D 56 -20.78 -10.56 42.17
C LEU D 56 -19.88 -9.52 41.50
N PRO D 57 -20.22 -9.10 40.27
CA PRO D 57 -21.41 -9.49 39.50
C PRO D 57 -21.36 -10.91 39.01
N GLU D 58 -22.52 -11.45 38.71
CA GLU D 58 -22.65 -12.78 38.13
C GLU D 58 -22.21 -12.80 36.66
N LEU D 59 -21.99 -14.02 36.17
CA LEU D 59 -21.50 -14.26 34.82
CA LEU D 59 -21.50 -14.26 34.82
C LEU D 59 -22.52 -15.05 34.02
N ARG D 60 -22.65 -14.72 32.75
CA ARG D 60 -23.56 -15.41 31.85
C ARG D 60 -22.97 -16.75 31.47
N LEU D 61 -23.73 -17.82 31.64
CA LEU D 61 -23.36 -19.17 31.18
C LEU D 61 -24.41 -19.62 30.19
N ARG D 62 -23.99 -20.02 29.00
CA ARG D 62 -24.91 -20.18 27.88
C ARG D 62 -24.63 -21.45 27.12
N ASN D 63 -25.71 -22.20 26.83
CA ASN D 63 -25.66 -23.29 25.85
C ASN D 63 -25.94 -22.64 24.50
N ASN D 64 -24.96 -22.71 23.59
CA ASN D 64 -25.07 -22.08 22.26
C ASN D 64 -25.23 -23.08 21.13
N GLY D 65 -25.32 -24.37 21.46
CA GLY D 65 -25.47 -25.43 20.45
C GLY D 65 -24.16 -26.06 20.03
N HIS D 66 -23.05 -25.32 20.15
CA HIS D 66 -21.70 -25.83 19.85
C HIS D 66 -20.93 -26.20 21.14
N SER D 67 -21.21 -25.47 22.22
CA SER D 67 -20.55 -25.69 23.51
C SER D 67 -21.30 -24.97 24.60
N VAL D 68 -20.81 -25.09 25.83
CA VAL D 68 -21.24 -24.21 26.92
C VAL D 68 -20.15 -23.15 27.04
N GLN D 69 -20.58 -21.90 27.11
CA GLN D 69 -19.66 -20.78 27.16
C GLN D 69 -19.99 -19.88 28.33
N LEU D 70 -18.92 -19.44 29.00
CA LEU D 70 -18.98 -18.50 30.08
C LEU D 70 -18.38 -17.19 29.61
N THR D 71 -19.17 -16.13 29.65
CA THR D 71 -18.69 -14.81 29.30
C THR D 71 -17.93 -14.22 30.48
N LEU D 72 -16.73 -13.70 30.20
CA LEU D 72 -15.87 -13.16 31.24
C LEU D 72 -15.94 -11.65 31.25
N PRO D 73 -15.85 -11.04 32.45
CA PRO D 73 -15.91 -9.59 32.55
C PRO D 73 -14.62 -8.93 32.08
N PRO D 74 -14.63 -7.59 31.96
CA PRO D 74 -13.36 -6.92 31.78
C PRO D 74 -12.49 -7.14 33.01
N GLY D 75 -10.81 -6.94 32.56
CA GLY D 75 -9.92 -6.90 33.73
C GLY D 75 -9.18 -8.21 33.91
N LEU D 76 -9.49 -9.24 33.11
CA LEU D 76 -8.68 -10.45 33.10
C LEU D 76 -7.54 -10.24 32.13
N GLU D 77 -6.34 -10.02 32.65
CA GLU D 77 -5.18 -9.67 31.85
C GLU D 77 -4.21 -10.84 31.83
N MET D 78 -3.71 -11.16 30.63
CA MET D 78 -2.84 -12.31 30.39
C MET D 78 -1.66 -11.90 29.49
N ALA D 79 -0.46 -12.35 29.83
CA ALA D 79 0.72 -12.09 29.00
C ALA D 79 1.38 -13.39 28.54
N LEU D 80 1.66 -13.47 27.24
CA LEU D 80 2.41 -14.59 26.64
C LEU D 80 3.93 -14.33 26.67
N GLY D 81 4.28 -13.08 26.94
CA GLY D 81 5.61 -12.64 26.81
C GLY D 81 5.63 -11.17 27.15
N PRO D 82 7.22 -10.38 27.33
CA PRO D 82 7.21 -8.96 27.63
C PRO D 82 6.44 -8.12 26.57
N GLY D 83 5.42 -7.38 27.03
CA GLY D 83 4.63 -6.53 26.15
C GLY D 83 3.65 -7.22 25.21
N ARG D 84 3.48 -8.53 25.31
CA ARG D 84 2.58 -9.27 24.47
C ARG D 84 1.38 -9.63 25.32
N GLU D 85 0.47 -8.66 25.45
CA GLU D 85 -0.62 -8.73 26.41
C GLU D 85 -1.98 -8.95 25.76
N TYR D 86 -2.89 -9.50 26.57
CA TYR D 86 -4.17 -10.04 26.15
C TYR D 86 -5.22 -9.80 27.22
N ARG D 87 -6.50 -9.75 26.84
CA ARG D 87 -7.59 -9.72 27.82
C ARG D 87 -8.53 -10.88 27.54
N ALA D 88 -8.97 -11.57 28.58
CA ALA D 88 -9.83 -12.73 28.43
C ALA D 88 -11.25 -12.30 28.05
N LEU D 89 -11.83 -13.01 27.09
CA LEU D 89 -13.18 -12.76 26.61
C LEU D 89 -14.22 -13.74 27.17
N GLN D 90 -13.89 -15.03 27.08
CA GLN D 90 -14.81 -16.08 27.42
C GLN D 90 -14.06 -17.37 27.57
N LEU D 91 -14.75 -18.39 28.05
CA LEU D 91 -14.21 -19.74 28.00
C LEU D 91 -15.29 -20.72 27.63
N HIS D 92 -14.88 -21.86 27.12
CA HIS D 92 -15.84 -22.86 26.73
C HIS D 92 -15.12 -24.20 26.75
N LEU D 93 -15.88 -25.26 26.53
CA LEU D 93 -15.34 -26.61 26.60
C LEU D 93 -15.67 -27.47 25.39
N HIS D 94 -14.83 -28.48 25.18
CA HIS D 94 -15.04 -29.55 24.22
C HIS D 94 -14.99 -30.90 24.97
N TRP D 95 -15.86 -31.81 24.58
CA TRP D 95 -15.99 -33.11 25.23
C TRP D 95 -16.50 -34.20 24.29
N GLY D 96 -16.49 -35.44 24.77
CA GLY D 96 -16.90 -36.58 23.95
C GLY D 96 -18.29 -37.09 24.26
N ALA D 97 -18.39 -38.37 24.58
CA ALA D 97 -19.68 -38.98 24.96
C ALA D 97 -19.43 -40.19 25.87
N ALA D 98 -20.50 -40.87 26.25
CA ALA D 98 -20.44 -42.06 27.10
C ALA D 98 -19.27 -42.97 26.68
N GLY D 99 -18.21 -42.98 27.48
CA GLY D 99 -17.03 -43.80 27.20
C GLY D 99 -16.23 -43.47 25.95
N ARG D 100 -16.31 -42.21 25.49
CA ARG D 100 -15.57 -41.76 24.31
C ARG D 100 -14.97 -40.35 24.58
N PRO D 101 -13.65 -40.20 24.41
CA PRO D 101 -13.02 -38.91 24.71
C PRO D 101 -13.31 -37.86 23.61
N GLY D 102 -13.25 -36.58 23.97
CA GLY D 102 -13.53 -35.49 23.02
C GLY D 102 -12.75 -34.21 23.18
N SER D 103 -11.48 -34.30 23.56
CA SER D 103 -10.57 -33.18 23.44
C SER D 103 -10.31 -32.86 21.95
N GLU D 104 -9.91 -31.62 21.68
CA GLU D 104 -9.61 -31.17 20.33
C GLU D 104 -8.20 -31.49 19.96
N HIS D 105 -7.25 -31.02 20.77
CA HIS D 105 -5.86 -31.39 20.58
C HIS D 105 -5.65 -32.85 21.06
N THR D 106 -4.61 -33.47 20.54
CA THR D 106 -4.26 -34.84 20.87
C THR D 106 -2.77 -34.85 21.04
N VAL D 107 -2.28 -35.80 21.83
CA VAL D 107 -0.85 -35.94 22.08
C VAL D 107 -0.44 -37.35 21.63
N GLU D 108 0.50 -37.42 20.68
CA GLU D 108 0.96 -38.66 20.04
C GLU D 108 -0.22 -39.60 19.72
N GLY D 109 -1.30 -39.00 19.20
CA GLY D 109 -2.51 -39.74 18.88
C GLY D 109 -3.52 -39.85 20.01
N HIS D 110 -3.11 -39.67 21.25
CA HIS D 110 -4.04 -39.76 22.38
C HIS D 110 -5.01 -38.56 22.48
N ARG D 111 -6.30 -38.86 22.40
CA ARG D 111 -7.37 -37.91 22.68
C ARG D 111 -7.80 -38.04 24.15
N PHE D 112 -7.91 -36.90 24.83
CA PHE D 112 -8.25 -36.86 26.25
C PHE D 112 -9.76 -36.72 26.42
N PRO D 113 -10.27 -37.03 27.63
CA PRO D 113 -11.72 -36.96 27.82
C PRO D 113 -12.36 -35.63 27.40
N ALA D 114 -11.80 -34.50 27.86
CA ALA D 114 -12.32 -33.18 27.52
C ALA D 114 -11.20 -32.12 27.41
N GLU D 115 -11.57 -30.90 27.02
CA GLU D 115 -10.58 -29.81 26.86
C GLU D 115 -11.24 -28.48 27.19
N ILE D 116 -10.49 -27.61 27.87
CA ILE D 116 -10.99 -26.26 28.19
C ILE D 116 -10.22 -25.22 27.38
N HIS D 117 -10.95 -24.23 26.86
CA HIS D 117 -10.37 -23.15 26.05
C HIS D 117 -10.73 -21.83 26.65
N VAL D 118 -9.73 -21.00 26.94
CA VAL D 118 -9.94 -19.62 27.40
C VAL D 118 -9.47 -18.69 26.32
N VAL D 119 -10.41 -17.97 25.72
CA VAL D 119 -10.15 -17.18 24.51
C VAL D 119 -9.88 -15.73 24.91
N HIS D 120 -8.75 -15.20 24.43
CA HIS D 120 -8.33 -13.81 24.68
C HIS D 120 -8.18 -12.96 23.41
N LEU D 121 -8.29 -11.65 23.61
CA LEU D 121 -8.05 -10.63 22.61
C LEU D 121 -6.77 -9.87 22.92
N SER D 122 -5.89 -9.73 21.94
CA SER D 122 -4.74 -8.84 22.08
C SER D 122 -5.16 -7.41 22.40
N THR D 123 -4.51 -6.81 23.38
CA THR D 123 -4.86 -5.49 23.85
C THR D 123 -4.27 -4.44 22.91
N ALA D 124 -3.37 -5.01 21.51
CA ALA D 124 -3.15 -4.03 20.46
C ALA D 124 -4.42 -3.74 19.66
N PHE D 125 -5.49 -4.50 19.89
CA PHE D 125 -6.75 -4.35 19.19
C PHE D 125 -7.90 -4.02 20.15
N ALA D 126 -8.64 -2.95 19.87
CA ALA D 126 -9.82 -2.60 20.65
C ALA D 126 -10.98 -3.59 20.47
N ARG D 127 -11.07 -4.23 19.31
CA ARG D 127 -12.23 -5.02 18.98
C ARG D 127 -11.81 -6.39 18.47
N VAL D 128 -12.59 -7.39 18.81
CA VAL D 128 -12.38 -8.75 18.32
C VAL D 128 -12.36 -8.81 16.77
N ASP D 129 -13.25 -8.03 16.13
CA ASP D 129 -13.38 -8.11 14.66
C ASP D 129 -12.13 -7.62 13.92
N GLU D 130 -11.46 -6.63 14.50
CA GLU D 130 -10.16 -6.17 14.00
C GLU D 130 -9.07 -7.25 14.15
N ALA D 131 -9.15 -8.00 15.24
CA ALA D 131 -8.15 -9.00 15.55
C ALA D 131 -8.26 -10.28 14.72
N LEU D 132 -9.46 -10.71 14.37
CA LEU D 132 -9.65 -11.93 13.57
C LEU D 132 -8.83 -11.91 12.28
N GLY D 133 -8.06 -12.98 12.08
CA GLY D 133 -7.15 -13.11 10.94
C GLY D 133 -5.80 -12.46 11.03
N ARG D 134 -5.57 -11.60 12.03
CA ARG D 134 -4.29 -10.92 12.22
C ARG D 134 -3.41 -11.79 13.13
N PRO D 135 -2.10 -11.83 12.89
CA PRO D 135 -1.23 -12.72 13.68
C PRO D 135 -1.16 -12.25 15.13
N GLY D 136 -1.51 -13.17 16.04
CA GLY D 136 -1.45 -12.90 17.47
C GLY D 136 -2.61 -12.07 17.95
N GLY D 137 -3.62 -11.89 17.09
CA GLY D 137 -4.75 -11.05 17.42
C GLY D 137 -5.56 -11.68 18.53
N LEU D 138 -5.76 -12.98 18.41
CA LEU D 138 -6.39 -13.82 19.41
C LEU D 138 -5.40 -14.84 19.94
N ALA D 139 -5.59 -15.22 21.20
CA ALA D 139 -4.76 -16.19 21.90
C ALA D 139 -5.68 -17.07 22.76
N VAL D 140 -5.51 -18.37 22.64
CA VAL D 140 -6.34 -19.33 23.39
C VAL D 140 -5.43 -20.12 24.33
N LEU D 141 -5.84 -20.20 25.61
CA LEU D 141 -5.20 -21.09 26.59
C LEU D 141 -6.01 -22.34 26.64
N ALA D 142 -5.35 -23.46 26.37
CA ALA D 142 -6.01 -24.73 26.33
C ALA D 142 -5.42 -25.69 27.37
N ALA D 143 -6.30 -26.39 28.09
CA ALA D 143 -5.89 -27.47 29.03
C ALA D 143 -6.72 -28.71 28.81
N PHE D 144 -6.07 -29.87 28.84
CA PHE D 144 -6.77 -31.14 28.79
C PHE D 144 -7.41 -31.44 30.14
N LEU D 145 -8.63 -31.99 30.11
CA LEU D 145 -9.34 -32.44 31.28
C LEU D 145 -9.29 -33.98 31.30
N GLU D 146 -8.73 -34.55 32.37
CA GLU D 146 -8.60 -36.02 32.58
C GLU D 146 -9.49 -36.53 33.71
N GLU D 147 -9.69 -37.85 33.74
CA GLU D 147 -10.43 -38.49 34.85
C GLU D 147 -9.51 -38.67 36.06
N GLY D 148 -9.93 -38.15 37.22
CA GLY D 148 -9.20 -38.34 38.49
C GLY D 148 -10.09 -38.92 39.58
N PRO D 149 -9.52 -39.22 40.76
CA PRO D 149 -10.32 -39.76 41.87
C PRO D 149 -11.28 -38.76 42.54
N GLU D 150 -10.87 -37.49 42.70
CA GLU D 150 -11.71 -36.49 43.38
C GLU D 150 -12.63 -35.70 42.47
N GLU D 151 -13.72 -35.22 43.06
CA GLU D 151 -14.53 -34.17 42.50
C GLU D 151 -13.67 -32.90 42.42
N ASN D 152 -13.61 -32.30 41.23
CA ASN D 152 -12.98 -30.99 41.03
C ASN D 152 -13.95 -29.91 41.43
N SER D 153 -13.61 -29.18 42.48
CA SER D 153 -14.54 -28.20 43.01
C SER D 153 -14.63 -26.94 42.13
N ALA D 154 -13.55 -26.59 41.41
CA ALA D 154 -13.61 -25.45 40.49
C ALA D 154 -14.61 -25.77 39.36
N TYR D 155 -14.49 -26.93 38.75
CA TYR D 155 -15.40 -27.30 37.64
C TYR D 155 -16.82 -27.50 38.11
N GLU D 156 -16.97 -27.96 39.36
CA GLU D 156 -18.30 -28.20 39.93
C GLU D 156 -19.19 -26.98 39.90
N GLN D 157 -18.61 -25.79 40.08
CA GLN D 157 -19.37 -24.53 39.98
C GLN D 157 -20.05 -24.32 38.61
N LEU D 158 -19.42 -24.80 37.55
CA LEU D 158 -20.03 -24.78 36.21
C LEU D 158 -20.88 -26.02 35.95
N LEU D 159 -20.36 -27.18 36.31
CA LEU D 159 -21.03 -28.44 35.98
C LEU D 159 -22.38 -28.60 36.69
N SER D 160 -22.47 -28.09 37.92
CA SER D 160 -23.71 -28.10 38.67
C SER D 160 -24.81 -27.24 38.03
N ARG D 161 -24.45 -26.36 37.09
CA ARG D 161 -25.40 -25.46 36.47
C ARG D 161 -25.82 -25.85 35.08
N LEU D 162 -25.27 -26.93 34.53
CA LEU D 162 -25.55 -27.32 33.14
C LEU D 162 -26.99 -27.78 32.93
N GLU D 163 -27.57 -28.42 33.94
CA GLU D 163 -28.96 -28.88 33.84
C GLU D 163 -29.93 -27.72 33.61
N GLU D 164 -29.63 -26.54 34.15
CA GLU D 164 -30.46 -25.35 33.97
C GLU D 164 -30.47 -24.83 32.52
N ILE D 165 -29.46 -25.19 31.74
CA ILE D 165 -29.29 -24.73 30.36
C ILE D 165 -29.17 -25.91 29.37
N ALA D 166 -29.84 -27.02 29.66
CA ALA D 166 -29.76 -28.22 28.80
C ALA D 166 -30.24 -28.00 27.38
N GLU D 167 -31.23 -27.12 27.22
CA GLU D 167 -31.81 -26.82 25.91
C GLU D 167 -30.88 -25.91 25.10
N GLU D 168 -30.77 -26.18 23.80
CA GLU D 168 -30.02 -25.31 22.88
C GLU D 168 -30.52 -23.86 23.02
N GLY D 169 -29.57 -22.93 23.15
CA GLY D 169 -29.89 -21.51 23.23
C GLY D 169 -30.26 -20.96 24.59
N SER D 170 -30.45 -21.81 25.60
CA SER D 170 -30.80 -21.34 26.93
C SER D 170 -29.56 -20.83 27.66
N GLU D 171 -29.77 -19.93 28.62
CA GLU D 171 -28.70 -19.36 29.39
C GLU D 171 -29.10 -19.09 30.84
N THR D 172 -28.10 -18.88 31.67
CA THR D 172 -28.29 -18.65 33.08
C THR D 172 -27.19 -17.73 33.64
N GLN D 173 -27.41 -17.21 34.84
CA GLN D 173 -26.42 -16.39 35.55
C GLN D 173 -25.78 -17.25 36.61
N VAL D 174 -24.45 -17.19 36.72
CA VAL D 174 -23.72 -17.94 37.76
C VAL D 174 -22.86 -16.98 38.58
N PRO D 175 -22.60 -17.30 39.86
CA PRO D 175 -21.74 -16.44 40.65
C PRO D 175 -20.34 -16.35 40.06
N GLY D 176 -19.67 -15.23 40.27
CA GLY D 176 -18.25 -15.14 39.94
C GLY D 176 -17.45 -16.24 40.63
N LEU D 177 -16.41 -16.69 39.94
CA LEU D 177 -15.51 -17.71 40.43
C LEU D 177 -14.08 -17.35 40.04
N ASP D 178 -13.15 -18.11 40.62
CA ASP D 178 -11.76 -17.99 40.29
C ASP D 178 -11.50 -18.77 39.00
N ILE D 179 -11.35 -18.04 37.90
CA ILE D 179 -11.15 -18.66 36.58
C ILE D 179 -9.78 -19.36 36.51
N SER D 180 -8.78 -18.82 37.20
CA SER D 180 -7.44 -19.43 37.19
C SER D 180 -7.38 -20.81 37.87
N ALA D 181 -8.34 -21.10 38.75
CA ALA D 181 -8.46 -22.39 39.41
C ALA D 181 -8.96 -23.53 38.49
N LEU D 182 -9.43 -23.18 37.29
CA LEU D 182 -9.79 -24.15 36.27
C LEU D 182 -8.61 -24.63 35.46
N LEU D 183 -7.45 -24.02 35.68
CA LEU D 183 -6.27 -24.28 34.89
C LEU D 183 -5.25 -25.08 35.69
N PRO D 184 -4.29 -25.70 34.97
CA PRO D 184 -3.29 -26.52 35.65
C PRO D 184 -2.40 -25.76 36.61
N SER D 185 -1.64 -26.57 37.33
CA SER D 185 -0.74 -26.10 38.35
C SER D 185 0.43 -25.27 37.83
N ASP D 186 1.10 -25.72 36.77
CA ASP D 186 2.36 -25.09 36.35
C ASP D 186 2.18 -24.26 35.07
N PHE D 187 2.29 -22.94 35.22
CA PHE D 187 2.13 -21.97 34.13
C PHE D 187 3.42 -21.79 33.30
N SER D 188 4.51 -22.47 33.70
CA SER D 188 5.79 -22.43 33.00
C SER D 188 5.95 -23.51 31.93
N ARG D 189 5.04 -24.48 31.88
CA ARG D 189 5.21 -25.70 31.05
C ARG D 189 4.05 -25.86 30.06
N TYR D 190 4.33 -25.54 28.80
CA TYR D 190 3.29 -25.52 27.75
C TYR D 190 3.88 -25.74 26.35
N PHE D 191 2.98 -26.14 25.44
CA PHE D 191 3.24 -26.13 24.01
C PHE D 191 2.60 -24.86 23.41
N GLN D 192 3.15 -24.39 22.31
CA GLN D 192 2.66 -23.20 21.64
C GLN D 192 2.89 -23.26 20.13
N TYR D 193 1.88 -22.86 19.37
CA TYR D 193 1.95 -22.76 17.92
C TYR D 193 0.86 -21.76 17.44
N GLU D 194 0.94 -21.42 16.15
CA GLU D 194 0.00 -20.49 15.55
C GLU D 194 -0.94 -21.26 14.64
N GLY D 195 -2.24 -21.09 14.86
CA GLY D 195 -3.25 -21.77 14.10
C GLY D 195 -4.50 -20.95 14.00
N SER D 196 -5.63 -21.61 14.22
CA SER D 196 -6.91 -21.04 13.88
C SER D 196 -7.92 -21.30 14.97
N LEU D 197 -9.07 -20.68 14.82
CA LEU D 197 -10.28 -21.12 15.47
C LEU D 197 -10.62 -22.53 14.93
N THR D 198 -11.25 -23.34 15.77
CA THR D 198 -11.59 -24.73 15.47
C THR D 198 -13.06 -24.86 15.10
N THR D 199 -13.71 -23.71 14.93
CA THR D 199 -15.11 -23.58 14.57
C THR D 199 -15.16 -22.46 13.52
N PRO D 200 -16.15 -22.48 12.60
CA PRO D 200 -16.31 -21.29 11.77
C PRO D 200 -16.43 -20.04 12.65
N PRO D 201 -15.75 -18.94 12.30
CA PRO D 201 -15.21 -18.68 10.96
C PRO D 201 -13.80 -19.22 10.67
N CYS D 202 -13.22 -20.05 11.54
CA CYS D 202 -11.92 -20.69 11.29
C CYS D 202 -10.78 -19.69 10.97
N ALA D 203 -10.87 -18.48 11.54
CA ALA D 203 -9.86 -17.44 11.31
C ALA D 203 -8.50 -17.92 11.76
N GLN D 204 -7.47 -17.62 10.97
CA GLN D 204 -6.10 -17.95 11.32
C GLN D 204 -5.47 -16.81 12.11
N GLY D 205 -4.21 -16.97 12.51
CA GLY D 205 -3.49 -15.97 13.31
C GLY D 205 -3.63 -16.19 14.83
N VAL D 206 -4.30 -17.26 15.23
CA VAL D 206 -4.60 -17.52 16.65
C VAL D 206 -3.42 -18.23 17.30
N ILE D 207 -2.86 -17.63 18.34
CA ILE D 207 -1.77 -18.25 19.12
C ILE D 207 -2.39 -19.22 20.12
N TRP D 208 -2.11 -20.50 19.93
CA TRP D 208 -2.57 -21.58 20.81
C TRP D 208 -1.47 -21.92 21.81
N THR D 209 -1.82 -21.92 23.10
CA THR D 209 -0.90 -22.29 24.17
C THR D 209 -1.59 -23.44 24.90
N VAL D 210 -0.97 -24.64 24.82
CA VAL D 210 -1.55 -25.86 25.37
C VAL D 210 -0.65 -26.29 26.55
N PHE D 211 -1.23 -26.25 27.75
CA PHE D 211 -0.52 -26.65 28.99
C PHE D 211 -0.05 -28.10 28.91
N ASN D 212 1.18 -28.35 29.33
CA ASN D 212 1.71 -29.72 29.49
C ASN D 212 0.88 -30.54 30.50
N GLN D 213 0.58 -29.96 31.65
CA GLN D 213 -0.19 -30.67 32.69
C GLN D 213 -1.68 -30.61 32.46
N THR D 214 -2.36 -31.67 32.85
CA THR D 214 -3.81 -31.77 32.78
C THR D 214 -4.49 -31.25 34.05
N VAL D 215 -5.81 -31.15 33.97
CA VAL D 215 -6.66 -30.90 35.10
C VAL D 215 -7.52 -32.16 35.25
N MET D 216 -7.81 -32.55 36.50
CA MET D 216 -8.55 -33.79 36.78
C MET D 216 -9.96 -33.49 37.27
N LEU D 217 -10.93 -34.17 36.67
CA LEU D 217 -12.33 -34.14 37.08
C LEU D 217 -12.75 -35.58 37.43
N SER D 218 -13.85 -35.72 38.16
CA SER D 218 -14.32 -37.05 38.54
C SER D 218 -15.10 -37.63 37.36
N ALA D 219 -15.26 -38.95 37.39
CA ALA D 219 -16.01 -39.62 36.34
C ALA D 219 -17.45 -39.14 36.29
N LYS D 220 -18.04 -38.83 37.44
CA LYS D 220 -19.41 -38.30 37.49
C LYS D 220 -19.46 -36.95 36.77
N GLN D 221 -18.46 -36.12 37.05
CA GLN D 221 -18.38 -34.77 36.46
C GLN D 221 -18.24 -34.76 34.93
N LEU D 222 -17.35 -35.60 34.43
CA LEU D 222 -17.20 -35.81 33.00
C LEU D 222 -18.47 -36.37 32.35
N HIS D 223 -19.11 -37.34 33.01
CA HIS D 223 -20.42 -37.81 32.58
C HIS D 223 -21.42 -36.65 32.52
N THR D 224 -21.47 -35.83 33.57
CA THR D 224 -22.35 -34.65 33.60
C THR D 224 -22.06 -33.68 32.42
N LEU D 225 -20.78 -33.46 32.12
CA LEU D 225 -20.39 -32.59 31.01
C LEU D 225 -20.93 -33.10 29.67
N SER D 226 -20.76 -34.40 29.41
CA SER D 226 -21.18 -35.01 28.14
C SER D 226 -22.69 -35.36 28.04
N ASP D 227 -23.35 -35.63 29.17
CA ASP D 227 -24.73 -36.16 29.18
C ASP D 227 -25.83 -35.10 29.36
N THR D 228 -25.48 -33.88 29.74
CA THR D 228 -26.49 -32.89 30.16
C THR D 228 -27.03 -32.01 29.03
N LEU D 229 -26.18 -31.61 28.09
CA LEU D 229 -26.56 -30.55 27.15
C LEU D 229 -27.13 -31.12 25.86
N TRP D 230 -28.14 -30.45 25.33
CA TRP D 230 -28.76 -30.77 24.02
C TRP D 230 -28.40 -29.70 22.98
N GLY D 231 -28.16 -30.14 21.75
CA GLY D 231 -27.69 -29.29 20.67
C GLY D 231 -28.65 -29.19 19.50
N PRO D 232 -28.13 -28.95 18.29
CA PRO D 232 -28.90 -29.00 17.03
C PRO D 232 -29.60 -30.34 16.80
N GLY D 233 -32.31 -28.92 15.96
CA GLY D 233 -32.73 -30.32 16.06
C GLY D 233 -32.72 -30.81 17.49
N ASP D 234 -33.12 -32.06 17.69
CA ASP D 234 -33.33 -32.63 19.02
C ASP D 234 -32.29 -33.70 19.35
N SER D 235 -31.02 -33.41 19.09
CA SER D 235 -29.90 -34.33 19.43
C SER D 235 -28.99 -33.79 20.53
N ARG D 236 -28.24 -34.69 21.16
CA ARG D 236 -27.38 -34.34 22.27
C ARG D 236 -26.16 -33.54 21.83
N LEU D 237 -25.72 -32.62 22.68
CA LEU D 237 -24.49 -31.87 22.44
C LEU D 237 -23.32 -32.69 22.99
N GLN D 238 -22.72 -33.46 22.10
CA GLN D 238 -21.62 -34.38 22.42
C GLN D 238 -20.64 -34.38 21.29
N LEU D 239 -19.44 -34.85 21.57
CA LEU D 239 -18.42 -35.07 20.54
C LEU D 239 -18.19 -33.76 19.76
N ASN D 240 -18.14 -32.64 20.50
CA ASN D 240 -18.09 -31.29 19.92
C ASN D 240 -16.65 -30.84 19.70
N PHE D 241 -15.87 -31.68 19.04
CA PHE D 241 -14.48 -31.40 18.74
C PHE D 241 -14.24 -31.48 17.23
N ARG D 242 -13.24 -30.74 16.77
CA ARG D 242 -12.82 -30.75 15.39
C ARG D 242 -11.70 -31.76 15.26
N ALA D 243 -11.62 -32.41 14.09
CA ALA D 243 -10.53 -33.33 13.80
C ALA D 243 -9.20 -32.59 13.72
N THR D 244 -8.12 -33.30 14.09
CA THR D 244 -6.80 -32.70 14.02
CA THR D 244 -6.74 -32.81 14.00
C THR D 244 -6.41 -32.34 12.58
N GLN D 245 -5.53 -31.36 12.45
CA GLN D 245 -5.23 -30.74 11.16
C GLN D 245 -3.75 -30.78 10.89
N PRO D 246 -3.35 -30.85 9.61
CA PRO D 246 -1.92 -30.90 9.30
C PRO D 246 -1.17 -29.63 9.67
N LEU D 247 -0.02 -29.81 10.31
CA LEU D 247 0.89 -28.73 10.64
C LEU D 247 1.39 -27.97 9.41
N ASN D 248 1.55 -28.67 8.27
CA ASN D 248 2.02 -28.05 7.02
C ASN D 248 3.26 -27.21 7.23
N GLY D 249 4.22 -27.76 7.97
CA GLY D 249 5.51 -27.13 8.18
C GLY D 249 5.68 -26.41 9.50
N ARG D 250 4.58 -26.08 10.18
CA ARG D 250 4.65 -25.46 11.50
C ARG D 250 5.36 -26.40 12.47
N VAL D 251 6.34 -25.86 13.22
CA VAL D 251 6.99 -26.57 14.31
C VAL D 251 6.30 -26.15 15.62
N ILE D 252 5.80 -27.13 16.36
CA ILE D 252 5.22 -26.85 17.68
C ILE D 252 6.37 -26.55 18.64
N GLU D 253 6.28 -25.44 19.36
CA GLU D 253 7.31 -25.06 20.33
C GLU D 253 6.92 -25.56 21.73
N ALA D 254 7.91 -25.73 22.59
CA ALA D 254 7.70 -26.15 24.01
C ALA D 254 8.51 -25.27 24.92
N SER D 255 7.94 -24.90 26.07
CA SER D 255 8.60 -24.03 27.06
C SER D 255 9.57 -24.77 27.99
N PHE D 256 9.72 -26.07 27.81
CA PHE D 256 10.51 -26.93 28.71
C PHE D 256 11.27 -27.94 27.85
N PRO D 257 12.49 -28.34 28.29
CA PRO D 257 13.21 -29.39 27.54
C PRO D 257 12.58 -30.77 27.74
ZN ZN E . -17.42 6.59 -3.53
F20 V14 F . -12.24 7.18 -2.22
C5 V14 F . -13.28 7.02 -1.40
C4 V14 F . -14.57 7.62 -1.78
S7 V14 F . -14.84 8.29 -3.24
O9 V14 F . -14.23 9.58 -3.45
N10 V14 F . -16.44 8.31 -3.48
O8 V14 F . -14.35 7.29 -4.17
C3 V14 F . -15.67 7.44 -0.80
F12 V14 F . -16.86 7.91 -1.01
C2 V14 F . -15.54 6.72 0.44
F13 V14 F . -16.62 6.57 1.25
C6 V14 F . -13.13 6.26 -0.11
C1 V14 F . -14.27 6.14 0.83
S11 V14 F . -14.23 5.29 2.22
O16 V14 F . -13.00 4.57 2.34
O17 V14 F . -15.29 4.34 2.11
C15 V14 F . -14.50 6.27 3.56
C18 V14 F . -13.30 7.16 3.87
O21 V14 F . -13.36 8.26 2.99
N19 V14 F . -12.00 5.76 0.42
C14 V14 F . -10.64 6.21 0.36
C28 V14 F . -10.56 7.75 0.37
C27 V14 F . -9.32 8.30 1.06
C26 V14 F . -8.02 8.35 0.25
C25 V14 F . -8.02 7.79 -1.18
C24 V14 F . -7.65 6.33 -1.29
C23 V14 F . -8.41 5.39 -0.37
C22 V14 F . -9.89 5.46 -0.73
ZN ZN G . 13.84 19.09 -26.13
F20 V14 H . 13.65 18.48 -20.99
C5 V14 H . 14.79 18.58 -21.65
C4 V14 H . 14.79 17.97 -23.01
S7 V14 H . 13.46 17.34 -23.68
O9 V14 H . 13.09 16.04 -23.21
N10 V14 H . 13.62 17.24 -25.31
O8 V14 H . 12.51 18.39 -23.46
C3 V14 H . 16.05 18.09 -23.77
F12 V14 H . 16.12 17.61 -24.98
C2 V14 H . 17.26 18.74 -23.25
F13 V14 H . 18.32 18.77 -24.04
C6 V14 H . 16.02 19.28 -21.10
C1 V14 H . 17.29 19.33 -21.89
S11 V14 H . 18.64 20.08 -21.35
O16 V14 H . 18.70 21.34 -22.06
O17 V14 H . 18.54 20.39 -19.95
C15 V14 H . 20.07 19.26 -21.58
C18 V14 H . 19.93 17.78 -21.22
O21 V14 H . 19.33 17.72 -19.92
N19 V14 H . 16.21 19.79 -19.85
C14 V14 H . 15.55 19.49 -18.61
C28 V14 H . 14.32 20.36 -18.41
C27 V14 H . 13.95 20.42 -16.93
C26 V14 H . 13.07 19.21 -16.56
C25 V14 H . 13.80 18.19 -15.73
C24 V14 H . 14.44 17.03 -16.45
C23 V14 H . 15.70 17.40 -17.18
C22 V14 H . 15.34 17.98 -18.53
ZN ZN I . 16.47 1.53 9.91
F20 V14 J . 11.21 1.76 9.24
C5 V14 J . 12.09 2.77 9.07
C4 V14 J . 13.30 2.83 9.91
S7 V14 J . 13.62 1.62 10.93
O9 V14 J . 12.71 1.58 12.03
N10 V14 J . 15.16 1.68 11.38
O8 V14 J . 13.55 0.40 10.18
C3 V14 J . 14.20 3.97 9.69
F12 V14 J . 15.29 4.05 10.42
C2 V14 J . 13.89 5.00 8.64
F13 V14 J . 14.77 5.99 8.52
C6 V14 J . 11.76 3.77 8.00
C1 V14 J . 12.65 4.97 7.79
S11 V14 J . 12.53 6.13 6.65
O16 V14 J . 11.35 5.91 5.83
O17 V14 J . 13.65 5.85 5.82
C15 V14 J . 12.67 7.74 7.13
C18 V14 J . 11.99 8.01 8.45
O21 V14 J . 10.60 7.72 8.28
N19 V14 J . 10.56 3.30 7.63
C14 V14 J . 9.22 3.76 7.46
C28 V14 J . 8.59 3.33 6.13
C27 V14 J . 7.21 2.68 6.29
C26 V14 J . 6.83 2.10 7.67
C25 V14 J . 6.18 3.14 8.63
C24 V14 J . 7.05 4.14 9.39
C23 V14 J . 7.53 5.31 8.51
C22 V14 J . 8.93 5.17 7.93
ZN ZN K . -12.68 -24.21 21.71
F20 V14 L . -13.12 -19.35 19.92
C5 V14 L . -14.12 -20.22 19.97
C4 V14 L . -13.76 -21.64 19.80
S7 V14 L . -12.22 -22.09 19.66
O9 V14 L . -11.60 -21.79 18.40
N10 V14 L . -12.09 -23.69 19.79
O8 V14 L . -11.43 -21.48 20.69
C3 V14 L . -14.85 -22.66 19.86
F12 V14 L . -14.58 -23.96 19.73
C2 V14 L . -16.26 -22.27 20.06
F13 V14 L . -17.19 -23.22 20.09
C6 V14 L . -15.55 -19.81 20.18
C1 V14 L . -16.63 -20.85 20.20
S11 V14 L . -18.19 -20.50 20.45
O16 V14 L . -18.48 -21.11 21.73
O17 V14 L . -18.43 -19.10 20.61
C15 V14 L . -19.25 -21.03 19.27
C18 V14 L . -19.27 -20.13 18.05
O21 V14 L . -17.96 -20.06 17.50
N19 V14 L . -16.03 -18.53 20.25
C14 V14 L . -15.47 -17.30 19.74
C28 V14 L . -14.51 -16.65 20.74
C27 V14 L . -14.46 -15.14 20.62
C26 V14 L . -13.83 -14.69 19.30
C25 V14 L . -14.87 -14.43 18.22
C24 V14 L . -14.79 -15.38 17.05
C23 V14 L . -15.60 -16.64 17.28
C22 V14 L . -14.93 -17.53 18.32
#